data_4UXZ
#
_entry.id   4UXZ
#
_cell.length_a   75.020
_cell.length_b   91.310
_cell.length_c   143.700
_cell.angle_alpha   90.00
_cell.angle_beta   90.00
_cell.angle_gamma   90.00
#
_symmetry.space_group_name_H-M   'P 21 21 21'
#
loop_
_entity.id
_entity.type
_entity.pdbx_description
1 polymer 'DIACYLGLYCEROL KINASE-DELTA 7'
2 non-polymer '(2S)-2,3-dihydroxypropyl (7Z)-hexadec-7-enoate'
3 non-polymer '(2R)-2,3-dihydroxypropyl (7Z)-hexadec-7-enoate'
4 non-polymer 'ZINC ION'
5 non-polymer 'CITRATE ANION'
6 non-polymer 'ACETATE ION'
7 water water
#
_entity_poly.entity_id   1
_entity_poly.type   'polypeptide(L)'
_entity_poly.pdbx_seq_one_letter_code
;GHHHHHHELANNTTGFTRIIKAAGYSWKGLRAAWINEAAFRQEGVAVLLCVVIAAWLDVDAVTRVLLISSVMLVMIVELL
NSAIEAVVDRIGSEYHELSGRAKDLGSAAVLIAIIDAVITWAILLWSHFG
;
_entity_poly.pdbx_strand_id   A,B,C,D,E,F
#
loop_
_chem_comp.id
_chem_comp.type
_chem_comp.name
_chem_comp.formula
79M non-polymer '(2R)-2,3-dihydroxypropyl (7Z)-hexadec-7-enoate' 'C19 H36 O4'
79N non-polymer '(2S)-2,3-dihydroxypropyl (7Z)-hexadec-7-enoate' 'C19 H36 O4'
ACT non-polymer 'ACETATE ION' 'C2 H3 O2 -1'
FLC non-polymer 'CITRATE ANION' 'C6 H5 O7 -3'
ZN non-polymer 'ZINC ION' 'Zn 2'
#
# COMPACT_ATOMS: atom_id res chain seq x y z
N THR A 14 -16.81 19.00 9.19
CA THR A 14 -17.56 18.53 8.03
C THR A 14 -17.35 17.03 7.79
N GLY A 15 -16.15 16.54 8.12
CA GLY A 15 -15.86 15.13 8.06
C GLY A 15 -16.06 14.53 9.44
N PHE A 16 -16.31 15.40 10.40
CA PHE A 16 -16.52 15.00 11.79
C PHE A 16 -18.01 14.88 12.08
N THR A 17 -18.80 15.72 11.41
CA THR A 17 -20.25 15.72 11.60
C THR A 17 -20.89 14.50 10.91
N ARG A 18 -20.28 14.05 9.83
CA ARG A 18 -20.73 12.84 9.14
C ARG A 18 -20.54 11.62 10.03
N ILE A 19 -19.43 11.59 10.76
CA ILE A 19 -19.13 10.50 11.69
C ILE A 19 -20.16 10.43 12.81
N ILE A 20 -20.39 11.56 13.49
CA ILE A 20 -21.38 11.63 14.55
C ILE A 20 -22.75 11.22 14.04
N LYS A 21 -23.09 11.69 12.84
CA LYS A 21 -24.38 11.41 12.24
C LYS A 21 -24.52 9.92 11.97
N ALA A 22 -23.50 9.35 11.31
CA ALA A 22 -23.56 7.95 10.89
C ALA A 22 -23.53 7.03 12.09
N ALA A 23 -22.76 7.44 13.10
CA ALA A 23 -22.67 6.70 14.35
C ALA A 23 -24.04 6.58 14.99
N GLY A 24 -24.80 7.68 14.96
CA GLY A 24 -26.16 7.70 15.49
C GLY A 24 -27.11 6.78 14.75
N TYR A 25 -27.04 6.79 13.41
CA TYR A 25 -27.82 5.85 12.59
C TYR A 25 -27.47 4.42 12.95
N SER A 26 -26.17 4.19 13.18
CA SER A 26 -25.65 2.86 13.45
C SER A 26 -26.22 2.31 14.74
N TRP A 27 -26.12 3.10 15.80
CA TRP A 27 -26.67 2.73 17.08
C TRP A 27 -28.17 2.42 16.96
N LYS A 28 -28.92 3.27 16.27
CA LYS A 28 -30.34 2.99 16.04
C LYS A 28 -30.55 1.70 15.25
N GLY A 29 -29.61 1.33 14.38
CA GLY A 29 -29.73 0.11 13.62
C GLY A 29 -29.60 -1.10 14.54
N LEU A 30 -28.54 -1.08 15.34
CA LEU A 30 -28.24 -2.16 16.26
C LEU A 30 -29.37 -2.30 17.28
N ARG A 31 -29.84 -1.16 17.79
CA ARG A 31 -30.93 -1.12 18.77
C ARG A 31 -32.23 -1.72 18.23
N ALA A 32 -32.62 -1.31 17.03
CA ALA A 32 -33.86 -1.83 16.44
C ALA A 32 -33.75 -3.34 16.18
N ALA A 33 -32.60 -3.78 15.64
CA ALA A 33 -32.43 -5.21 15.39
C ALA A 33 -32.50 -5.99 16.71
N TRP A 34 -31.89 -5.45 17.75
CA TRP A 34 -31.86 -6.10 19.06
C TRP A 34 -33.25 -6.18 19.69
N ILE A 35 -33.94 -5.05 19.73
CA ILE A 35 -35.27 -5.00 20.33
C ILE A 35 -36.29 -5.88 19.59
N ASN A 36 -36.16 -5.98 18.27
CA ASN A 36 -37.21 -6.59 17.47
C ASN A 36 -37.22 -8.11 17.35
N GLU A 37 -36.09 -8.78 17.63
CA GLU A 37 -36.01 -10.25 17.43
C GLU A 37 -35.09 -10.97 18.43
N ALA A 38 -35.67 -11.91 19.16
CA ALA A 38 -34.89 -12.82 20.01
C ALA A 38 -33.73 -13.45 19.23
N ALA A 39 -33.97 -13.85 17.98
CA ALA A 39 -32.94 -14.53 17.19
C ALA A 39 -31.74 -13.64 17.00
N PHE A 40 -31.99 -12.35 16.79
CA PHE A 40 -30.89 -11.42 16.62
C PHE A 40 -30.10 -11.29 17.93
N ARG A 41 -30.84 -11.15 19.03
CA ARG A 41 -30.24 -11.04 20.35
C ARG A 41 -29.38 -12.27 20.65
N GLN A 42 -29.88 -13.45 20.34
CA GLN A 42 -29.12 -14.68 20.55
C GLN A 42 -27.88 -14.80 19.66
N GLU A 43 -28.02 -14.36 18.42
CA GLU A 43 -26.86 -14.27 17.53
C GLU A 43 -25.81 -13.30 18.10
N GLY A 44 -26.26 -12.13 18.56
CA GLY A 44 -25.33 -11.14 19.11
C GLY A 44 -24.63 -11.71 20.34
N VAL A 45 -25.37 -12.45 21.17
CA VAL A 45 -24.74 -13.16 22.29
C VAL A 45 -23.65 -14.11 21.79
N ALA A 46 -23.98 -14.94 20.81
CA ALA A 46 -23.00 -15.88 20.27
C ALA A 46 -21.75 -15.17 19.71
N VAL A 47 -21.97 -14.06 19.03
CA VAL A 47 -20.86 -13.31 18.46
C VAL A 47 -19.96 -12.76 19.56
N LEU A 48 -20.57 -12.06 20.52
CA LEU A 48 -19.83 -11.51 21.67
C LEU A 48 -19.07 -12.59 22.43
N LEU A 49 -19.71 -13.75 22.63
CA LEU A 49 -19.02 -14.88 23.25
C LEU A 49 -17.80 -15.29 22.46
N CYS A 50 -17.95 -15.39 21.14
CA CYS A 50 -16.82 -15.84 20.31
C CYS A 50 -15.66 -14.84 20.31
N VAL A 51 -16.00 -13.55 20.32
CA VAL A 51 -14.96 -12.54 20.31
C VAL A 51 -14.20 -12.58 21.64
N VAL A 52 -14.93 -12.71 22.75
CA VAL A 52 -14.31 -12.82 24.08
C VAL A 52 -13.42 -14.04 24.15
N ILE A 53 -13.97 -15.19 23.75
CA ILE A 53 -13.15 -16.41 23.72
C ILE A 53 -11.89 -16.24 22.88
N ALA A 54 -12.02 -15.67 21.69
CA ALA A 54 -10.88 -15.55 20.78
C ALA A 54 -9.84 -14.67 21.42
N ALA A 55 -10.31 -13.66 22.15
CA ALA A 55 -9.45 -12.67 22.78
C ALA A 55 -8.62 -13.25 23.91
N TRP A 56 -9.02 -14.41 24.42
CA TRP A 56 -8.39 -14.99 25.60
C TRP A 56 -7.64 -16.28 25.30
N LEU A 57 -7.84 -16.81 24.10
CA LEU A 57 -7.17 -18.03 23.69
C LEU A 57 -5.67 -17.80 23.46
N ASP A 58 -4.91 -18.87 23.70
CA ASP A 58 -3.46 -18.87 23.52
C ASP A 58 -3.16 -19.29 22.09
N VAL A 59 -3.33 -18.35 21.16
CA VAL A 59 -3.07 -18.61 19.76
C VAL A 59 -2.28 -17.43 19.19
N ASP A 60 -1.72 -17.62 18.01
CA ASP A 60 -0.99 -16.55 17.35
C ASP A 60 -1.96 -15.46 16.87
N ALA A 61 -1.41 -14.33 16.47
CA ALA A 61 -2.19 -13.15 16.20
C ALA A 61 -3.08 -13.33 14.96
N VAL A 62 -2.58 -14.05 13.95
CA VAL A 62 -3.34 -14.26 12.73
C VAL A 62 -4.52 -15.19 12.96
N THR A 63 -4.32 -16.23 13.75
CA THR A 63 -5.42 -17.09 14.15
C THR A 63 -6.47 -16.30 14.92
N ARG A 64 -6.02 -15.45 15.83
CA ARG A 64 -6.93 -14.66 16.63
C ARG A 64 -7.78 -13.76 15.71
N VAL A 65 -7.16 -13.15 14.70
CA VAL A 65 -7.91 -12.27 13.79
C VAL A 65 -8.93 -13.08 13.01
N LEU A 66 -8.55 -14.24 12.50
CA LEU A 66 -9.49 -15.09 11.75
C LEU A 66 -10.71 -15.54 12.56
N LEU A 67 -10.50 -15.84 13.84
CA LEU A 67 -11.59 -16.24 14.72
C LEU A 67 -12.55 -15.07 14.91
N ILE A 68 -11.99 -13.90 15.17
CA ILE A 68 -12.82 -12.72 15.40
C ILE A 68 -13.51 -12.23 14.13
N SER A 69 -12.76 -12.15 13.03
N SER A 69 -12.77 -12.12 13.02
CA SER A 69 -13.30 -11.64 11.76
CA SER A 69 -13.34 -11.49 11.83
C SER A 69 -14.42 -12.51 11.21
C SER A 69 -14.39 -12.38 11.15
N SER A 70 -14.27 -13.83 11.35
N SER A 70 -14.25 -13.70 11.31
CA SER A 70 -15.27 -14.77 10.86
CA SER A 70 -15.26 -14.61 10.77
C SER A 70 -16.63 -14.45 11.46
C SER A 70 -16.63 -14.44 11.45
N VAL A 71 -16.67 -14.19 12.76
CA VAL A 71 -17.99 -13.96 13.41
C VAL A 71 -18.49 -12.54 13.22
N MET A 72 -17.57 -11.59 13.09
N MET A 72 -17.58 -11.58 13.08
CA MET A 72 -17.97 -10.23 12.76
CA MET A 72 -18.01 -10.23 12.77
C MET A 72 -18.62 -10.19 11.38
C MET A 72 -18.61 -10.15 11.36
N LEU A 73 -18.08 -10.94 10.43
CA LEU A 73 -18.64 -10.98 9.07
C LEU A 73 -20.08 -11.48 9.15
N VAL A 74 -20.33 -12.46 10.02
CA VAL A 74 -21.70 -12.96 10.22
C VAL A 74 -22.60 -11.79 10.58
N MET A 75 -22.14 -10.96 11.51
N MET A 75 -22.14 -10.96 11.49
CA MET A 75 -22.93 -9.81 11.93
CA MET A 75 -22.93 -9.82 11.96
C MET A 75 -23.13 -8.81 10.80
C MET A 75 -23.11 -8.78 10.85
N ILE A 76 -22.06 -8.55 10.06
CA ILE A 76 -22.12 -7.58 8.95
C ILE A 76 -23.15 -8.01 7.89
N VAL A 77 -23.13 -9.29 7.53
CA VAL A 77 -24.05 -9.80 6.51
C VAL A 77 -25.49 -9.88 7.04
N GLU A 78 -25.61 -10.26 8.31
CA GLU A 78 -26.91 -10.26 8.98
C GLU A 78 -27.53 -8.86 8.91
N LEU A 79 -26.75 -7.82 9.15
CA LEU A 79 -27.30 -6.46 9.16
C LEU A 79 -27.62 -5.93 7.74
N LEU A 80 -26.76 -6.21 6.76
CA LEU A 80 -27.04 -5.81 5.38
C LEU A 80 -28.29 -6.55 4.88
N ASN A 81 -28.42 -7.81 5.23
CA ASN A 81 -29.59 -8.57 4.81
C ASN A 81 -30.88 -8.04 5.44
N SER A 82 -30.85 -7.73 6.73
CA SER A 82 -32.00 -7.12 7.38
C SER A 82 -32.33 -5.73 6.80
N ALA A 83 -31.32 -5.04 6.29
CA ALA A 83 -31.57 -3.77 5.62
C ALA A 83 -32.36 -4.02 4.34
N ILE A 84 -31.98 -5.06 3.60
CA ILE A 84 -32.67 -5.46 2.39
C ILE A 84 -34.11 -5.94 2.69
N GLU A 85 -34.29 -6.69 3.77
CA GLU A 85 -35.64 -7.10 4.18
C GLU A 85 -36.54 -5.90 4.48
N ALA A 86 -36.00 -4.91 5.18
CA ALA A 86 -36.75 -3.71 5.55
C ALA A 86 -37.19 -2.93 4.30
N VAL A 87 -36.33 -2.86 3.29
CA VAL A 87 -36.72 -2.21 2.05
C VAL A 87 -37.84 -2.99 1.36
N VAL A 88 -37.68 -4.30 1.26
CA VAL A 88 -38.70 -5.14 0.65
C VAL A 88 -40.03 -4.99 1.38
N ASP A 89 -40.01 -5.10 2.70
CA ASP A 89 -41.25 -4.96 3.46
C ASP A 89 -41.85 -3.55 3.32
N ARG A 90 -40.99 -2.55 3.16
CA ARG A 90 -41.40 -1.17 2.95
C ARG A 90 -42.23 -1.02 1.69
N ILE A 91 -41.83 -1.72 0.64
CA ILE A 91 -42.52 -1.64 -0.64
C ILE A 91 -43.92 -2.25 -0.58
N GLY A 92 -44.06 -3.33 0.17
CA GLY A 92 -45.37 -3.97 0.31
C GLY A 92 -45.28 -5.35 0.94
N SER A 93 -46.40 -5.79 1.51
CA SER A 93 -46.46 -7.09 2.18
C SER A 93 -47.02 -8.18 1.27
N GLU A 94 -47.60 -7.77 0.16
CA GLU A 94 -48.17 -8.72 -0.80
C GLU A 94 -47.07 -9.58 -1.42
N TYR A 95 -47.43 -10.79 -1.82
CA TYR A 95 -46.49 -11.69 -2.46
C TYR A 95 -46.10 -11.16 -3.83
N HIS A 96 -44.79 -11.14 -4.08
CA HIS A 96 -44.26 -10.78 -5.38
C HIS A 96 -43.00 -11.61 -5.60
N GLU A 97 -42.85 -12.15 -6.80
CA GLU A 97 -41.73 -13.02 -7.12
C GLU A 97 -40.40 -12.37 -6.77
N LEU A 98 -40.20 -11.14 -7.21
CA LEU A 98 -38.94 -10.44 -6.97
C LEU A 98 -38.72 -10.14 -5.49
N SER A 99 -39.80 -9.89 -4.75
CA SER A 99 -39.70 -9.68 -3.32
C SER A 99 -39.18 -10.95 -2.66
N GLY A 100 -39.76 -12.09 -3.03
CA GLY A 100 -39.32 -13.39 -2.51
C GLY A 100 -37.88 -13.69 -2.89
N ARG A 101 -37.54 -13.37 -4.13
CA ARG A 101 -36.19 -13.61 -4.64
C ARG A 101 -35.13 -12.79 -3.90
N ALA A 102 -35.44 -11.53 -3.63
CA ALA A 102 -34.53 -10.66 -2.90
C ALA A 102 -34.21 -11.25 -1.53
N LYS A 103 -35.26 -11.69 -0.83
CA LYS A 103 -35.07 -12.29 0.48
C LYS A 103 -34.39 -13.65 0.43
N ASP A 104 -34.66 -14.43 -0.62
CA ASP A 104 -34.00 -15.73 -0.77
C ASP A 104 -32.48 -15.52 -0.92
N LEU A 105 -32.10 -14.56 -1.78
CA LEU A 105 -30.69 -14.33 -2.07
C LEU A 105 -30.00 -13.81 -0.83
N GLY A 106 -30.64 -12.86 -0.14
CA GLY A 106 -30.09 -12.30 1.08
C GLY A 106 -29.92 -13.34 2.17
N SER A 107 -30.89 -14.25 2.32
CA SER A 107 -30.78 -15.30 3.32
C SER A 107 -29.70 -16.28 2.96
N ALA A 108 -29.51 -16.56 1.68
CA ALA A 108 -28.44 -17.46 1.25
C ALA A 108 -27.09 -16.86 1.68
N ALA A 109 -26.94 -15.53 1.51
CA ALA A 109 -25.69 -14.87 1.89
C ALA A 109 -25.41 -14.97 3.40
N VAL A 110 -26.44 -14.79 4.23
CA VAL A 110 -26.31 -14.91 5.68
C VAL A 110 -25.85 -16.32 6.08
N LEU A 111 -26.49 -17.32 5.49
CA LEU A 111 -26.14 -18.72 5.77
C LEU A 111 -24.70 -19.05 5.37
N ILE A 112 -24.27 -18.58 4.21
CA ILE A 112 -22.88 -18.80 3.84
C ILE A 112 -21.92 -18.20 4.87
N ALA A 113 -22.20 -16.98 5.32
CA ALA A 113 -21.32 -16.33 6.31
C ALA A 113 -21.24 -17.17 7.60
N ILE A 114 -22.38 -17.70 8.05
CA ILE A 114 -22.45 -18.47 9.29
C ILE A 114 -21.73 -19.80 9.16
N ILE A 115 -21.98 -20.51 8.06
CA ILE A 115 -21.33 -21.79 7.81
C ILE A 115 -19.81 -21.61 7.71
N ASP A 116 -19.39 -20.54 7.06
CA ASP A 116 -17.98 -20.23 6.99
C ASP A 116 -17.39 -19.94 8.37
N ALA A 117 -18.15 -19.27 9.24
CA ALA A 117 -17.66 -18.98 10.57
C ALA A 117 -17.48 -20.27 11.36
N VAL A 118 -18.49 -21.15 11.30
CA VAL A 118 -18.46 -22.41 12.04
C VAL A 118 -17.29 -23.26 11.60
N ILE A 119 -17.13 -23.36 10.28
CA ILE A 119 -16.05 -24.15 9.72
C ILE A 119 -14.69 -23.54 10.07
N THR A 120 -14.58 -22.22 9.99
CA THR A 120 -13.34 -21.54 10.34
C THR A 120 -12.94 -21.84 11.79
N TRP A 121 -13.92 -21.75 12.69
CA TRP A 121 -13.67 -22.03 14.10
C TRP A 121 -13.34 -23.49 14.33
N ALA A 122 -14.03 -24.39 13.62
CA ALA A 122 -13.79 -25.82 13.78
C ALA A 122 -12.37 -26.17 13.34
N ILE A 123 -11.98 -25.71 12.15
CA ILE A 123 -10.63 -25.94 11.63
C ILE A 123 -9.52 -25.39 12.55
N LEU A 124 -9.56 -24.10 12.86
CA LEU A 124 -8.52 -23.48 13.68
C LEU A 124 -8.44 -24.01 15.11
N LEU A 125 -9.58 -24.33 15.71
CA LEU A 125 -9.56 -24.86 17.06
C LEU A 125 -9.12 -26.31 17.06
N TRP A 126 -9.32 -27.00 15.94
CA TRP A 126 -8.82 -28.34 15.78
C TRP A 126 -7.30 -28.31 15.65
N SER A 127 -6.81 -27.52 14.68
CA SER A 127 -5.39 -27.43 14.38
C SER A 127 -4.56 -27.03 15.59
N HIS A 128 -5.19 -26.27 16.49
N HIS A 128 -5.16 -26.26 16.49
CA HIS A 128 -4.54 -25.75 17.69
CA HIS A 128 -4.44 -25.82 17.68
C HIS A 128 -4.65 -26.75 18.86
C HIS A 128 -4.64 -26.75 18.88
N PHE A 129 -5.58 -27.69 18.76
CA PHE A 129 -5.80 -28.68 19.81
C PHE A 129 -5.54 -30.11 19.35
N GLY A 130 -5.60 -30.33 18.05
CA GLY A 130 -5.41 -31.67 17.49
C GLY A 130 -4.00 -31.91 16.96
N ALA B 33 -19.71 6.90 -12.12
CA ALA B 33 -20.52 8.11 -12.04
C ALA B 33 -20.70 8.59 -10.60
N TRP B 34 -20.27 7.76 -9.64
CA TRP B 34 -20.45 8.03 -8.22
C TRP B 34 -19.12 8.39 -7.56
N ILE B 35 -18.02 8.13 -8.27
CA ILE B 35 -16.68 8.37 -7.76
C ILE B 35 -16.41 9.87 -7.58
N ASN B 36 -17.26 10.70 -8.17
CA ASN B 36 -17.14 12.14 -8.07
C ASN B 36 -17.96 12.70 -6.92
N GLU B 37 -17.79 12.11 -5.73
CA GLU B 37 -18.49 12.55 -4.54
C GLU B 37 -17.54 12.59 -3.34
N ALA B 38 -17.58 13.69 -2.60
CA ALA B 38 -16.72 13.96 -1.45
C ALA B 38 -16.68 12.83 -0.41
N ALA B 39 -17.82 12.18 -0.22
CA ALA B 39 -17.93 11.11 0.78
C ALA B 39 -17.21 9.83 0.35
N PHE B 40 -17.41 9.43 -0.91
CA PHE B 40 -16.77 8.25 -1.46
C PHE B 40 -15.28 8.43 -1.70
N ARG B 41 -14.88 9.64 -2.06
N ARG B 41 -14.88 9.64 -2.06
CA ARG B 41 -13.47 9.94 -2.25
CA ARG B 41 -13.48 9.96 -2.25
C ARG B 41 -12.73 9.84 -0.92
C ARG B 41 -12.73 9.86 -0.93
N GLN B 42 -13.34 10.37 0.14
CA GLN B 42 -12.72 10.34 1.46
C GLN B 42 -12.60 8.92 2.01
N GLU B 43 -13.67 8.14 1.88
CA GLU B 43 -13.68 6.74 2.32
C GLU B 43 -12.72 5.93 1.46
N GLY B 44 -12.81 6.13 0.15
CA GLY B 44 -11.98 5.43 -0.80
C GLY B 44 -10.50 5.70 -0.58
N VAL B 45 -10.16 6.95 -0.28
CA VAL B 45 -8.76 7.31 -0.14
C VAL B 45 -8.15 6.69 1.11
N ALA B 46 -8.89 6.70 2.21
CA ALA B 46 -8.41 6.08 3.44
C ALA B 46 -8.09 4.59 3.20
N VAL B 47 -8.99 3.91 2.51
CA VAL B 47 -8.82 2.48 2.23
C VAL B 47 -7.62 2.26 1.32
N LEU B 48 -7.56 3.05 0.26
CA LEU B 48 -6.43 3.01 -0.64
C LEU B 48 -5.09 3.21 0.09
N LEU B 49 -5.02 4.24 0.94
CA LEU B 49 -3.79 4.48 1.70
C LEU B 49 -3.40 3.29 2.60
N CYS B 50 -4.39 2.71 3.27
CA CYS B 50 -4.15 1.50 4.06
C CYS B 50 -3.65 0.33 3.22
N VAL B 51 -4.21 0.13 2.03
CA VAL B 51 -3.72 -0.96 1.17
C VAL B 51 -2.25 -0.71 0.76
N VAL B 52 -1.94 0.55 0.46
CA VAL B 52 -0.60 0.94 0.09
C VAL B 52 0.38 0.71 1.25
N ILE B 53 0.00 1.14 2.45
CA ILE B 53 0.85 0.94 3.62
C ILE B 53 1.10 -0.54 3.83
N ALA B 54 0.03 -1.33 3.77
CA ALA B 54 0.14 -2.77 3.94
C ALA B 54 1.08 -3.43 2.92
N ALA B 55 1.09 -2.90 1.71
CA ALA B 55 1.89 -3.45 0.63
C ALA B 55 3.37 -3.24 0.92
N TRP B 56 3.67 -2.23 1.74
CA TRP B 56 5.05 -1.84 2.01
C TRP B 56 5.59 -2.39 3.33
N LEU B 57 4.71 -2.80 4.25
CA LEU B 57 5.12 -3.31 5.56
C LEU B 57 5.94 -4.59 5.46
N ASP B 58 6.85 -4.78 6.41
N ASP B 58 6.83 -4.78 6.44
CA ASP B 58 7.63 -6.01 6.45
CA ASP B 58 7.64 -5.98 6.52
C ASP B 58 6.94 -7.01 7.37
C ASP B 58 6.94 -7.03 7.39
N VAL B 59 5.91 -7.66 6.84
CA VAL B 59 5.12 -8.62 7.60
C VAL B 59 5.09 -9.91 6.80
N ASP B 60 4.65 -11.00 7.40
CA ASP B 60 4.49 -12.19 6.59
C ASP B 60 3.24 -12.10 5.72
N ALA B 61 3.07 -13.08 4.86
CA ALA B 61 2.05 -13.08 3.83
C ALA B 61 0.64 -13.15 4.41
N VAL B 62 0.42 -14.00 5.41
CA VAL B 62 -0.91 -14.10 6.00
C VAL B 62 -1.31 -12.76 6.66
N THR B 63 -0.37 -12.13 7.37
CA THR B 63 -0.62 -10.84 8.00
C THR B 63 -0.96 -9.79 6.95
N ARG B 64 -0.24 -9.81 5.82
CA ARG B 64 -0.44 -8.81 4.77
C ARG B 64 -1.85 -8.91 4.17
N VAL B 65 -2.26 -10.13 3.86
CA VAL B 65 -3.60 -10.40 3.35
C VAL B 65 -4.68 -9.92 4.30
N LEU B 66 -4.49 -10.13 5.61
CA LEU B 66 -5.47 -9.71 6.62
C LEU B 66 -5.57 -8.19 6.75
N LEU B 67 -4.44 -7.51 6.71
CA LEU B 67 -4.42 -6.06 6.74
C LEU B 67 -5.15 -5.48 5.52
N ILE B 68 -4.91 -6.05 4.34
CA ILE B 68 -5.56 -5.59 3.11
C ILE B 68 -7.07 -5.94 3.02
N SER B 69 -7.47 -7.18 3.31
CA SER B 69 -8.87 -7.56 3.18
CA SER B 69 -8.88 -7.59 3.22
C SER B 69 -9.78 -6.87 4.21
N SER B 70 -9.26 -6.59 5.40
CA SER B 70 -10.06 -5.94 6.45
C SER B 70 -10.47 -4.54 6.03
N VAL B 71 -9.59 -3.80 5.37
CA VAL B 71 -9.99 -2.47 4.88
C VAL B 71 -10.78 -2.54 3.57
N MET B 72 -10.50 -3.53 2.74
N MET B 72 -10.48 -3.53 2.75
CA MET B 72 -11.28 -3.66 1.53
CA MET B 72 -11.25 -3.73 1.53
C MET B 72 -12.72 -4.03 1.88
C MET B 72 -12.70 -4.01 1.91
N LEU B 73 -12.90 -4.80 2.96
CA LEU B 73 -14.26 -5.13 3.42
C LEU B 73 -14.99 -3.85 3.87
N VAL B 74 -14.27 -2.91 4.48
CA VAL B 74 -14.91 -1.64 4.81
C VAL B 74 -15.50 -1.00 3.54
N MET B 75 -14.73 -0.99 2.46
N MET B 75 -14.71 -0.97 2.47
CA MET B 75 -15.17 -0.38 1.21
CA MET B 75 -15.18 -0.39 1.20
C MET B 75 -16.34 -1.15 0.58
C MET B 75 -16.37 -1.15 0.62
N ILE B 76 -16.26 -2.48 0.58
CA ILE B 76 -17.35 -3.33 0.07
C ILE B 76 -18.67 -3.03 0.82
N VAL B 77 -18.58 -3.02 2.13
CA VAL B 77 -19.76 -2.80 2.95
C VAL B 77 -20.31 -1.38 2.77
N GLU B 78 -19.43 -0.41 2.66
CA GLU B 78 -19.86 0.97 2.44
C GLU B 78 -20.57 1.12 1.09
N LEU B 79 -20.10 0.39 0.09
CA LEU B 79 -20.73 0.42 -1.23
C LEU B 79 -22.10 -0.26 -1.22
N LEU B 80 -22.22 -1.36 -0.48
CA LEU B 80 -23.50 -2.05 -0.36
C LEU B 80 -24.48 -1.21 0.45
N ASN B 81 -23.97 -0.50 1.45
CA ASN B 81 -24.82 0.37 2.23
C ASN B 81 -25.34 1.54 1.37
N SER B 82 -24.47 2.10 0.55
CA SER B 82 -24.89 3.20 -0.32
C SER B 82 -25.87 2.66 -1.36
N ALA B 83 -25.64 1.45 -1.86
CA ALA B 83 -26.58 0.82 -2.79
C ALA B 83 -27.99 0.76 -2.17
N ILE B 84 -28.10 0.26 -0.95
CA ILE B 84 -29.39 0.15 -0.27
C ILE B 84 -30.05 1.51 -0.03
N GLU B 85 -29.25 2.49 0.36
CA GLU B 85 -29.74 3.85 0.55
C GLU B 85 -30.33 4.40 -0.74
N ALA B 86 -29.70 4.07 -1.86
CA ALA B 86 -30.16 4.54 -3.16
C ALA B 86 -31.53 3.95 -3.53
N VAL B 87 -31.73 2.67 -3.20
N VAL B 87 -31.76 2.68 -3.18
CA VAL B 87 -33.02 2.03 -3.45
CA VAL B 87 -33.07 2.07 -3.48
C VAL B 87 -34.11 2.67 -2.59
C VAL B 87 -34.16 2.60 -2.55
N VAL B 88 -33.79 2.93 -1.32
CA VAL B 88 -34.74 3.58 -0.41
C VAL B 88 -35.18 4.94 -0.98
N ASP B 89 -34.20 5.77 -1.34
CA ASP B 89 -34.48 7.08 -1.95
C ASP B 89 -35.25 6.96 -3.29
N ARG B 90 -34.98 5.90 -4.04
CA ARG B 90 -35.67 5.62 -5.29
C ARG B 90 -37.18 5.50 -5.09
N ILE B 91 -37.57 4.88 -3.97
CA ILE B 91 -38.99 4.63 -3.69
C ILE B 91 -39.73 5.95 -3.51
N GLY B 92 -39.08 6.90 -2.86
CA GLY B 92 -39.61 8.25 -2.74
C GLY B 92 -39.09 9.03 -1.55
N SER B 93 -39.65 10.22 -1.35
CA SER B 93 -39.23 11.15 -0.30
C SER B 93 -40.12 11.02 0.94
N GLU B 94 -41.31 10.43 0.76
CA GLU B 94 -42.18 10.20 1.91
C GLU B 94 -41.45 9.30 2.92
N TYR B 95 -41.40 9.74 4.17
CA TYR B 95 -40.76 8.92 5.19
C TYR B 95 -41.62 7.73 5.59
N HIS B 96 -40.95 6.62 5.85
CA HIS B 96 -41.59 5.42 6.36
C HIS B 96 -40.59 4.85 7.36
N GLU B 97 -41.12 4.32 8.46
CA GLU B 97 -40.28 3.71 9.49
C GLU B 97 -39.28 2.71 8.92
N LEU B 98 -39.70 1.93 7.93
CA LEU B 98 -38.86 0.86 7.42
C LEU B 98 -37.75 1.43 6.54
N SER B 99 -38.01 2.60 5.95
CA SER B 99 -37.00 3.30 5.16
C SER B 99 -35.87 3.75 6.07
N GLY B 100 -36.23 4.33 7.20
CA GLY B 100 -35.24 4.70 8.21
C GLY B 100 -34.54 3.46 8.75
N ARG B 101 -35.29 2.39 8.98
CA ARG B 101 -34.68 1.20 9.54
C ARG B 101 -33.66 0.58 8.58
N ALA B 102 -33.98 0.54 7.28
CA ALA B 102 -33.05 0.01 6.27
C ALA B 102 -31.72 0.76 6.27
N LYS B 103 -31.80 2.09 6.31
CA LYS B 103 -30.59 2.92 6.31
C LYS B 103 -29.78 2.77 7.59
N ASP B 104 -30.45 2.68 8.74
CA ASP B 104 -29.82 2.47 10.04
C ASP B 104 -29.08 1.13 10.08
N LEU B 105 -29.73 0.08 9.57
CA LEU B 105 -29.15 -1.26 9.57
C LEU B 105 -27.91 -1.29 8.65
N GLY B 106 -27.97 -0.57 7.53
CA GLY B 106 -26.84 -0.48 6.63
C GLY B 106 -25.67 0.24 7.27
N SER B 107 -25.97 1.28 8.02
CA SER B 107 -24.93 2.03 8.70
C SER B 107 -24.30 1.18 9.78
N ALA B 108 -25.11 0.38 10.47
CA ALA B 108 -24.60 -0.48 11.53
C ALA B 108 -23.62 -1.48 10.94
N ALA B 109 -23.95 -2.03 9.77
CA ALA B 109 -23.05 -2.95 9.05
C ALA B 109 -21.69 -2.30 8.81
N VAL B 110 -21.70 -1.04 8.36
CA VAL B 110 -20.47 -0.33 8.08
C VAL B 110 -19.68 -0.16 9.37
N LEU B 111 -20.40 0.20 10.43
CA LEU B 111 -19.78 0.37 11.74
C LEU B 111 -19.06 -0.92 12.19
N ILE B 112 -19.73 -2.07 12.06
CA ILE B 112 -19.12 -3.33 12.46
C ILE B 112 -17.90 -3.62 11.57
N ALA B 113 -18.00 -3.33 10.27
CA ALA B 113 -16.88 -3.55 9.36
C ALA B 113 -15.68 -2.70 9.77
N ILE B 114 -15.94 -1.45 10.16
CA ILE B 114 -14.86 -0.55 10.58
C ILE B 114 -14.20 -1.03 11.87
N ILE B 115 -15.00 -1.49 12.81
CA ILE B 115 -14.47 -1.98 14.09
C ILE B 115 -13.59 -3.20 13.83
N ASP B 116 -14.05 -4.07 12.96
CA ASP B 116 -13.29 -5.25 12.57
C ASP B 116 -11.94 -4.87 11.95
N ALA B 117 -11.90 -3.79 11.17
CA ALA B 117 -10.65 -3.34 10.57
C ALA B 117 -9.69 -2.82 11.63
N VAL B 118 -10.21 -2.03 12.57
CA VAL B 118 -9.41 -1.46 13.65
C VAL B 118 -8.85 -2.59 14.51
N ILE B 119 -9.71 -3.53 14.89
CA ILE B 119 -9.28 -4.69 15.68
C ILE B 119 -8.21 -5.50 14.93
N THR B 120 -8.38 -5.65 13.62
CA THR B 120 -7.45 -6.44 12.81
C THR B 120 -6.07 -5.78 12.79
N TRP B 121 -6.05 -4.49 12.49
CA TRP B 121 -4.80 -3.75 12.38
C TRP B 121 -4.11 -3.66 13.75
N ALA B 122 -4.87 -3.38 14.81
CA ALA B 122 -4.32 -3.29 16.17
C ALA B 122 -3.68 -4.60 16.60
N ILE B 123 -4.42 -5.70 16.49
CA ILE B 123 -3.89 -7.01 16.86
C ILE B 123 -2.63 -7.42 16.07
N LEU B 124 -2.63 -7.12 14.78
CA LEU B 124 -1.54 -7.60 13.93
C LEU B 124 -0.28 -6.75 14.03
N LEU B 125 -0.45 -5.45 14.24
CA LEU B 125 0.66 -4.51 14.29
C LEU B 125 1.19 -4.31 15.70
N TRP B 126 0.39 -4.65 16.71
CA TRP B 126 0.88 -4.73 18.07
C TRP B 126 1.87 -5.86 18.08
N SER B 127 1.38 -7.03 17.67
CA SER B 127 2.19 -8.24 17.55
C SER B 127 3.52 -8.00 16.83
N HIS B 128 3.46 -7.34 15.67
CA HIS B 128 4.63 -7.17 14.82
C HIS B 128 5.57 -6.07 15.30
N PHE B 129 5.04 -4.87 15.49
CA PHE B 129 5.83 -3.76 15.99
C PHE B 129 5.62 -3.62 17.50
N ARG C 41 -25.38 -23.08 -11.98
CA ARG C 41 -24.70 -21.80 -11.78
C ARG C 41 -23.19 -21.99 -11.88
N GLN C 42 -22.55 -21.19 -12.72
CA GLN C 42 -21.12 -21.37 -12.98
C GLN C 42 -20.24 -20.63 -11.98
N GLU C 43 -20.87 -20.04 -10.97
CA GLU C 43 -20.14 -19.42 -9.87
C GLU C 43 -19.83 -20.48 -8.81
N GLY C 44 -20.68 -21.48 -8.72
CA GLY C 44 -20.46 -22.60 -7.81
C GLY C 44 -19.39 -23.54 -8.33
N VAL C 45 -19.22 -23.55 -9.65
CA VAL C 45 -18.16 -24.31 -10.28
C VAL C 45 -16.83 -23.65 -9.94
N ALA C 46 -16.80 -22.32 -10.10
CA ALA C 46 -15.63 -21.52 -9.75
C ALA C 46 -15.22 -21.76 -8.30
N VAL C 47 -16.20 -21.92 -7.43
CA VAL C 47 -15.94 -22.13 -6.01
C VAL C 47 -15.35 -23.49 -5.71
N LEU C 48 -16.00 -24.53 -6.20
CA LEU C 48 -15.53 -25.89 -5.96
C LEU C 48 -14.10 -26.05 -6.48
N LEU C 49 -13.82 -25.47 -7.65
CA LEU C 49 -12.48 -25.51 -8.23
C LEU C 49 -11.45 -24.87 -7.29
N CYS C 50 -11.81 -23.70 -6.76
CA CYS C 50 -10.95 -23.04 -5.77
C CYS C 50 -10.74 -23.91 -4.53
N VAL C 51 -11.82 -24.50 -4.01
CA VAL C 51 -11.72 -25.39 -2.84
C VAL C 51 -10.83 -26.58 -3.12
N VAL C 52 -11.00 -27.17 -4.30
CA VAL C 52 -10.19 -28.31 -4.71
C VAL C 52 -8.72 -27.92 -4.80
N ILE C 53 -8.44 -26.83 -5.49
CA ILE C 53 -7.07 -26.35 -5.62
C ILE C 53 -6.45 -26.07 -4.25
N ALA C 54 -7.22 -25.43 -3.37
CA ALA C 54 -6.76 -25.11 -2.02
C ALA C 54 -6.54 -26.40 -1.22
N ALA C 55 -7.41 -27.37 -1.45
CA ALA C 55 -7.26 -28.68 -0.83
C ALA C 55 -6.06 -29.38 -1.42
N TRP C 56 -5.97 -29.37 -2.75
CA TRP C 56 -4.87 -30.01 -3.49
C TRP C 56 -3.49 -29.45 -3.12
N LEU C 57 -3.39 -28.14 -2.93
CA LEU C 57 -2.12 -27.53 -2.54
C LEU C 57 -1.76 -27.96 -1.12
N ASP C 58 -0.45 -28.04 -0.85
CA ASP C 58 0.01 -28.46 0.46
C ASP C 58 0.28 -27.27 1.39
N VAL C 59 -0.77 -26.58 1.81
CA VAL C 59 -0.63 -25.42 2.69
C VAL C 59 -1.24 -25.69 4.05
N ASP C 60 -0.83 -24.91 5.05
CA ASP C 60 -1.36 -25.08 6.39
C ASP C 60 -2.80 -24.56 6.51
N ALA C 61 -3.41 -24.76 7.68
CA ALA C 61 -4.82 -24.47 7.89
C ALA C 61 -5.18 -23.00 7.70
N VAL C 62 -4.32 -22.11 8.20
CA VAL C 62 -4.55 -20.67 8.09
C VAL C 62 -4.65 -20.23 6.63
N THR C 63 -3.66 -20.61 5.83
CA THR C 63 -3.63 -20.29 4.41
C THR C 63 -4.87 -20.81 3.70
N ARG C 64 -5.26 -22.03 4.02
CA ARG C 64 -6.43 -22.62 3.39
C ARG C 64 -7.71 -21.87 3.77
N VAL C 65 -7.80 -21.41 5.01
CA VAL C 65 -8.93 -20.62 5.46
C VAL C 65 -8.99 -19.29 4.70
N LEU C 66 -7.84 -18.66 4.51
CA LEU C 66 -7.82 -17.38 3.79
C LEU C 66 -8.14 -17.54 2.32
N LEU C 67 -7.55 -18.57 1.69
CA LEU C 67 -7.82 -18.84 0.29
C LEU C 67 -9.31 -19.05 0.05
N ILE C 68 -9.92 -19.86 0.91
CA ILE C 68 -11.33 -20.20 0.73
C ILE C 68 -12.30 -19.09 1.15
N SER C 69 -12.02 -18.41 2.26
N SER C 69 -12.03 -18.39 2.25
CA SER C 69 -12.87 -17.31 2.70
CA SER C 69 -12.92 -17.32 2.68
C SER C 69 -12.94 -16.19 1.66
C SER C 69 -12.93 -16.13 1.70
N SER C 70 -11.81 -15.89 1.01
CA SER C 70 -11.76 -14.80 0.05
C SER C 70 -12.70 -15.13 -1.12
N VAL C 71 -12.76 -16.40 -1.51
CA VAL C 71 -13.69 -16.81 -2.56
C VAL C 71 -15.15 -16.76 -2.07
N MET C 72 -15.35 -17.17 -0.83
N MET C 72 -15.37 -17.17 -0.83
CA MET C 72 -16.68 -17.18 -0.27
CA MET C 72 -16.72 -17.17 -0.31
C MET C 72 -17.21 -15.76 -0.12
C MET C 72 -17.22 -15.76 -0.04
N LEU C 73 -16.30 -14.82 0.15
CA LEU C 73 -16.69 -13.44 0.31
C LEU C 73 -17.27 -12.91 -1.01
N VAL C 74 -16.65 -13.28 -2.12
CA VAL C 74 -17.14 -12.87 -3.45
C VAL C 74 -18.59 -13.38 -3.63
N MET C 75 -18.82 -14.63 -3.22
CA MET C 75 -20.13 -15.26 -3.31
C MET C 75 -21.17 -14.50 -2.48
N ILE C 76 -20.80 -14.16 -1.24
CA ILE C 76 -21.68 -13.39 -0.36
C ILE C 76 -22.03 -12.03 -0.96
N VAL C 77 -21.01 -11.35 -1.49
CA VAL C 77 -21.23 -10.02 -2.08
C VAL C 77 -22.03 -10.09 -3.38
N GLU C 78 -21.77 -11.10 -4.22
CA GLU C 78 -22.60 -11.32 -5.40
C GLU C 78 -24.08 -11.55 -5.06
N LEU C 79 -24.33 -12.37 -4.02
CA LEU C 79 -25.72 -12.67 -3.61
C LEU C 79 -26.43 -11.43 -3.08
N LEU C 80 -25.73 -10.61 -2.28
CA LEU C 80 -26.30 -9.38 -1.74
C LEU C 80 -26.53 -8.37 -2.86
N ASN C 81 -25.60 -8.30 -3.81
CA ASN C 81 -25.77 -7.47 -4.99
C ASN C 81 -26.99 -7.91 -5.81
N SER C 82 -27.12 -9.21 -6.05
CA SER C 82 -28.29 -9.73 -6.75
C SER C 82 -29.59 -9.44 -5.98
N ALA C 83 -29.55 -9.48 -4.65
CA ALA C 83 -30.76 -9.16 -3.86
C ALA C 83 -31.18 -7.72 -4.13
N ILE C 84 -30.20 -6.83 -4.10
CA ILE C 84 -30.46 -5.41 -4.34
C ILE C 84 -31.03 -5.19 -5.75
N GLU C 85 -30.48 -5.90 -6.73
CA GLU C 85 -30.96 -5.79 -8.10
C GLU C 85 -32.40 -6.26 -8.20
N ALA C 86 -32.71 -7.33 -7.49
CA ALA C 86 -34.07 -7.87 -7.48
C ALA C 86 -35.03 -6.84 -6.90
N VAL C 87 -34.63 -6.15 -5.83
CA VAL C 87 -35.44 -5.10 -5.25
C VAL C 87 -35.63 -3.94 -6.22
N VAL C 88 -34.55 -3.50 -6.85
CA VAL C 88 -34.64 -2.42 -7.84
C VAL C 88 -35.66 -2.77 -8.94
N ASP C 89 -35.59 -3.99 -9.47
CA ASP C 89 -36.51 -4.46 -10.52
C ASP C 89 -37.96 -4.60 -10.04
N ARG C 90 -38.15 -4.99 -8.78
CA ARG C 90 -39.46 -5.06 -8.14
C ARG C 90 -40.17 -3.69 -8.14
N ILE C 91 -39.39 -2.62 -8.04
CA ILE C 91 -39.94 -1.26 -7.99
C ILE C 91 -40.43 -0.84 -9.38
N GLY C 92 -39.67 -1.21 -10.41
CA GLY C 92 -40.07 -0.90 -11.77
C GLY C 92 -38.97 -1.25 -12.77
N SER C 93 -39.37 -1.59 -13.99
CA SER C 93 -38.44 -1.92 -15.05
C SER C 93 -37.96 -0.66 -15.77
N GLU C 94 -38.69 0.43 -15.57
N GLU C 94 -38.69 0.42 -15.57
CA GLU C 94 -38.33 1.71 -16.16
CA GLU C 94 -38.34 1.73 -16.12
C GLU C 94 -37.04 2.26 -15.54
C GLU C 94 -37.03 2.25 -15.54
N TYR C 95 -36.28 3.00 -16.34
CA TYR C 95 -35.04 3.60 -15.86
C TYR C 95 -35.31 4.72 -14.86
N HIS C 96 -34.37 4.88 -13.94
CA HIS C 96 -34.40 5.96 -12.96
C HIS C 96 -32.96 6.16 -12.51
N GLU C 97 -32.59 7.41 -12.24
CA GLU C 97 -31.22 7.75 -11.85
C GLU C 97 -30.74 6.92 -10.65
N LEU C 98 -31.60 6.81 -9.65
CA LEU C 98 -31.26 6.11 -8.42
C LEU C 98 -31.24 4.58 -8.57
N SER C 99 -32.00 4.06 -9.52
CA SER C 99 -31.94 2.62 -9.82
C SER C 99 -30.57 2.26 -10.41
N GLY C 100 -30.10 3.10 -11.34
CA GLY C 100 -28.79 2.93 -11.92
C GLY C 100 -27.71 3.06 -10.86
N ARG C 101 -27.88 4.05 -9.98
N ARG C 101 -27.87 4.05 -9.98
CA ARG C 101 -26.91 4.32 -8.92
CA ARG C 101 -26.91 4.32 -8.92
C ARG C 101 -26.78 3.13 -7.97
C ARG C 101 -26.77 3.13 -7.98
N ALA C 102 -27.91 2.55 -7.61
CA ALA C 102 -27.93 1.36 -6.75
C ALA C 102 -27.18 0.21 -7.41
N LYS C 103 -27.53 -0.10 -8.65
CA LYS C 103 -26.89 -1.19 -9.38
C LYS C 103 -25.38 -0.99 -9.59
N ASP C 104 -24.97 0.25 -9.86
CA ASP C 104 -23.54 0.50 -10.06
C ASP C 104 -22.75 0.38 -8.75
N LEU C 105 -23.37 0.74 -7.63
CA LEU C 105 -22.70 0.67 -6.34
C LEU C 105 -22.55 -0.79 -5.94
N GLY C 106 -23.61 -1.56 -6.16
CA GLY C 106 -23.59 -2.98 -5.89
C GLY C 106 -22.52 -3.67 -6.73
N SER C 107 -22.35 -3.24 -7.98
CA SER C 107 -21.43 -3.92 -8.88
C SER C 107 -19.99 -3.58 -8.54
N ALA C 108 -19.79 -2.34 -8.09
CA ALA C 108 -18.47 -1.97 -7.61
C ALA C 108 -18.09 -2.80 -6.35
N ALA C 109 -19.07 -3.13 -5.52
CA ALA C 109 -18.82 -3.94 -4.32
C ALA C 109 -18.30 -5.31 -4.72
N VAL C 110 -18.96 -5.92 -5.70
CA VAL C 110 -18.53 -7.21 -6.22
C VAL C 110 -17.12 -7.12 -6.79
N LEU C 111 -16.85 -6.06 -7.56
CA LEU C 111 -15.52 -5.85 -8.12
C LEU C 111 -14.43 -5.76 -7.03
N ILE C 112 -14.66 -4.96 -5.99
CA ILE C 112 -13.69 -4.85 -4.89
C ILE C 112 -13.47 -6.22 -4.24
N ALA C 113 -14.53 -6.99 -4.05
CA ALA C 113 -14.41 -8.32 -3.49
C ALA C 113 -13.61 -9.26 -4.40
N ILE C 114 -13.77 -9.14 -5.71
CA ILE C 114 -13.00 -10.01 -6.62
C ILE C 114 -11.52 -9.62 -6.60
N ILE C 115 -11.25 -8.33 -6.57
CA ILE C 115 -9.89 -7.83 -6.49
C ILE C 115 -9.21 -8.30 -5.21
N ASP C 116 -9.94 -8.24 -4.10
CA ASP C 116 -9.41 -8.74 -2.82
C ASP C 116 -9.04 -10.24 -2.90
N ALA C 117 -9.87 -11.02 -3.56
CA ALA C 117 -9.62 -12.44 -3.75
C ALA C 117 -8.37 -12.70 -4.59
N VAL C 118 -8.23 -11.96 -5.69
CA VAL C 118 -7.07 -12.10 -6.57
C VAL C 118 -5.80 -11.76 -5.78
N ILE C 119 -5.83 -10.66 -5.04
CA ILE C 119 -4.69 -10.24 -4.22
C ILE C 119 -4.34 -11.30 -3.17
N THR C 120 -5.35 -11.81 -2.49
CA THR C 120 -5.18 -12.85 -1.48
C THR C 120 -4.52 -14.09 -2.09
N TRP C 121 -5.04 -14.56 -3.21
CA TRP C 121 -4.47 -15.75 -3.84
C TRP C 121 -3.04 -15.47 -4.34
N ALA C 122 -2.81 -14.32 -4.95
CA ALA C 122 -1.48 -14.01 -5.45
C ALA C 122 -0.47 -14.00 -4.28
N ILE C 123 -0.80 -13.28 -3.21
CA ILE C 123 0.10 -13.16 -2.07
C ILE C 123 0.41 -14.50 -1.38
N LEU C 124 -0.63 -15.31 -1.14
CA LEU C 124 -0.45 -16.56 -0.42
C LEU C 124 0.29 -17.58 -1.29
N LEU C 125 -0.01 -17.60 -2.58
CA LEU C 125 0.64 -18.55 -3.48
C LEU C 125 2.11 -18.16 -3.72
N TRP C 126 2.37 -16.86 -3.89
CA TRP C 126 3.77 -16.41 -4.00
C TRP C 126 4.57 -16.81 -2.78
N SER C 127 3.96 -16.71 -1.60
CA SER C 127 4.67 -17.04 -0.37
C SER C 127 4.78 -18.56 -0.22
N HIS C 128 3.72 -19.27 -0.59
CA HIS C 128 3.79 -20.72 -0.53
C HIS C 128 4.90 -21.29 -1.44
N PHE C 129 5.09 -20.67 -2.59
CA PHE C 129 6.06 -21.19 -3.55
C PHE C 129 7.38 -20.41 -3.50
N GLY C 130 7.54 -19.58 -2.48
CA GLY C 130 8.79 -18.85 -2.30
C GLY C 130 9.96 -19.72 -1.91
N ALA D 23 32.83 -2.74 -17.39
CA ALA D 23 31.82 -2.12 -16.54
C ALA D 23 30.70 -3.10 -16.15
N GLY D 24 29.63 -2.56 -15.55
CA GLY D 24 28.51 -3.38 -15.13
C GLY D 24 27.45 -3.51 -16.22
N TYR D 25 26.64 -4.55 -16.15
CA TYR D 25 25.57 -4.72 -17.10
C TYR D 25 24.23 -4.49 -16.40
N SER D 26 23.51 -3.47 -16.84
CA SER D 26 22.30 -2.99 -16.17
C SER D 26 21.13 -3.98 -16.17
N TRP D 27 20.78 -4.50 -17.35
CA TRP D 27 19.62 -5.38 -17.44
C TRP D 27 19.90 -6.67 -16.72
N LYS D 28 21.10 -7.22 -16.95
CA LYS D 28 21.58 -8.40 -16.22
C LYS D 28 21.54 -8.15 -14.71
N GLY D 29 21.87 -6.92 -14.31
CA GLY D 29 21.82 -6.54 -12.89
C GLY D 29 20.41 -6.57 -12.32
N LEU D 30 19.46 -6.01 -13.06
CA LEU D 30 18.07 -5.96 -12.59
C LEU D 30 17.55 -7.36 -12.36
N ARG D 31 17.84 -8.23 -13.31
CA ARG D 31 17.39 -9.60 -13.28
C ARG D 31 18.05 -10.37 -12.13
N ALA D 32 19.36 -10.15 -11.95
CA ALA D 32 20.07 -10.78 -10.85
C ALA D 32 19.48 -10.37 -9.50
N ALA D 33 19.17 -9.08 -9.33
CA ALA D 33 18.51 -8.59 -8.13
C ALA D 33 17.18 -9.32 -7.90
N TRP D 34 16.41 -9.42 -8.97
CA TRP D 34 15.07 -9.99 -8.89
C TRP D 34 15.13 -11.46 -8.51
N ILE D 35 16.03 -12.20 -9.11
N ILE D 35 16.02 -12.20 -9.14
CA ILE D 35 16.13 -13.64 -8.85
CA ILE D 35 16.19 -13.63 -8.89
C ILE D 35 16.75 -13.95 -7.48
C ILE D 35 16.73 -13.92 -7.49
N ASN D 36 17.69 -13.11 -7.05
CA ASN D 36 18.43 -13.39 -5.83
C ASN D 36 17.90 -12.76 -4.53
N GLU D 37 17.12 -11.70 -4.65
CA GLU D 37 16.64 -10.99 -3.45
C GLU D 37 15.12 -11.01 -3.33
N ALA D 38 14.59 -11.86 -2.45
CA ALA D 38 13.15 -11.86 -2.18
C ALA D 38 12.66 -10.48 -1.70
N ALA D 39 13.54 -9.76 -1.01
CA ALA D 39 13.17 -8.41 -0.56
C ALA D 39 12.93 -7.51 -1.76
N PHE D 40 13.74 -7.70 -2.81
CA PHE D 40 13.63 -6.86 -3.99
C PHE D 40 12.36 -7.22 -4.78
N ARG D 41 12.00 -8.50 -4.81
CA ARG D 41 10.76 -8.90 -5.46
C ARG D 41 9.54 -8.35 -4.73
N GLN D 42 9.56 -8.41 -3.41
N GLN D 42 9.60 -8.41 -3.41
CA GLN D 42 8.45 -7.88 -2.61
CA GLN D 42 8.54 -7.89 -2.56
C GLN D 42 8.32 -6.37 -2.83
C GLN D 42 8.33 -6.40 -2.81
N GLU D 43 9.43 -5.65 -2.81
CA GLU D 43 9.38 -4.21 -3.01
C GLU D 43 8.96 -3.86 -4.44
N GLY D 44 9.41 -4.66 -5.39
CA GLY D 44 9.08 -4.41 -6.79
C GLY D 44 7.60 -4.52 -7.10
N VAL D 45 6.93 -5.48 -6.47
CA VAL D 45 5.48 -5.65 -6.65
C VAL D 45 4.73 -4.49 -6.01
N ALA D 46 5.19 -4.06 -4.84
CA ALA D 46 4.63 -2.86 -4.20
C ALA D 46 4.84 -1.64 -5.12
N VAL D 47 6.01 -1.54 -5.74
CA VAL D 47 6.29 -0.42 -6.64
C VAL D 47 5.35 -0.41 -7.85
N LEU D 48 5.12 -1.59 -8.41
CA LEU D 48 4.28 -1.71 -9.60
C LEU D 48 2.83 -1.38 -9.27
N LEU D 49 2.38 -1.89 -8.12
CA LEU D 49 1.04 -1.61 -7.64
C LEU D 49 0.85 -0.10 -7.50
N CYS D 50 1.82 0.57 -6.88
CA CYS D 50 1.71 2.01 -6.66
C CYS D 50 1.74 2.77 -7.97
N VAL D 51 2.58 2.34 -8.91
CA VAL D 51 2.67 3.02 -10.19
C VAL D 51 1.33 2.90 -10.93
N VAL D 52 0.76 1.70 -10.92
CA VAL D 52 -0.53 1.46 -11.56
C VAL D 52 -1.63 2.33 -10.95
N ILE D 53 -1.66 2.40 -9.62
CA ILE D 53 -2.64 3.26 -8.95
C ILE D 53 -2.43 4.73 -9.34
N ALA D 54 -1.17 5.15 -9.42
CA ALA D 54 -0.81 6.53 -9.76
C ALA D 54 -1.32 6.92 -11.15
N ALA D 55 -1.22 6.00 -12.10
CA ALA D 55 -1.69 6.21 -13.47
C ALA D 55 -3.21 6.29 -13.53
N TRP D 56 -3.84 5.58 -12.61
CA TRP D 56 -5.30 5.48 -12.54
C TRP D 56 -5.91 6.69 -11.83
N LEU D 57 -5.28 7.14 -10.74
CA LEU D 57 -5.83 8.26 -9.96
C LEU D 57 -6.02 9.53 -10.77
N ASP D 58 -7.07 10.27 -10.45
CA ASP D 58 -7.33 11.54 -11.13
C ASP D 58 -6.53 12.65 -10.47
N VAL D 59 -5.29 12.83 -10.92
CA VAL D 59 -4.43 13.86 -10.35
C VAL D 59 -3.67 14.57 -11.46
N ASP D 60 -3.22 15.78 -11.16
CA ASP D 60 -2.41 16.56 -12.09
C ASP D 60 -1.05 15.88 -12.29
N ALA D 61 -0.28 16.35 -13.27
CA ALA D 61 0.96 15.71 -13.65
C ALA D 61 2.02 15.74 -12.55
N VAL D 62 2.10 16.87 -11.85
CA VAL D 62 3.08 17.06 -10.80
C VAL D 62 2.89 16.07 -9.63
N THR D 63 1.64 15.84 -9.26
CA THR D 63 1.31 14.91 -8.19
C THR D 63 1.65 13.49 -8.65
N ARG D 64 1.34 13.22 -9.90
CA ARG D 64 1.57 11.93 -10.51
C ARG D 64 3.06 11.61 -10.53
N VAL D 65 3.88 12.56 -10.98
CA VAL D 65 5.34 12.40 -10.95
C VAL D 65 5.83 12.07 -9.53
N LEU D 66 5.37 12.83 -8.53
CA LEU D 66 5.79 12.57 -7.15
C LEU D 66 5.40 11.18 -6.63
N LEU D 67 4.19 10.72 -6.95
CA LEU D 67 3.77 9.39 -6.50
C LEU D 67 4.69 8.33 -7.08
N ILE D 68 4.99 8.48 -8.36
CA ILE D 68 5.79 7.51 -9.08
C ILE D 68 7.26 7.53 -8.67
N SER D 69 7.86 8.72 -8.63
N SER D 69 7.89 8.69 -8.68
CA SER D 69 9.27 8.86 -8.28
CA SER D 69 9.32 8.78 -8.37
C SER D 69 9.61 8.38 -6.88
C SER D 69 9.61 8.43 -6.92
N SER D 70 8.72 8.64 -5.92
N SER D 70 8.62 8.58 -6.06
CA SER D 70 8.97 8.25 -4.55
CA SER D 70 8.80 8.28 -4.64
C SER D 70 9.07 6.73 -4.39
C SER D 70 9.05 6.79 -4.45
N VAL D 71 8.28 5.97 -5.15
CA VAL D 71 8.39 4.50 -5.02
C VAL D 71 9.53 3.94 -5.85
N MET D 72 9.83 4.59 -6.97
N MET D 72 9.85 4.59 -6.97
CA MET D 72 10.97 4.21 -7.80
CA MET D 72 10.99 4.15 -7.77
C MET D 72 12.28 4.38 -7.02
C MET D 72 12.31 4.40 -7.04
N LEU D 73 12.34 5.43 -6.20
CA LEU D 73 13.52 5.68 -5.36
C LEU D 73 13.75 4.45 -4.49
N VAL D 74 12.68 3.80 -4.01
CA VAL D 74 12.89 2.56 -3.25
C VAL D 74 13.71 1.52 -4.04
N MET D 75 13.41 1.36 -5.32
N MET D 75 13.41 1.38 -5.32
CA MET D 75 14.14 0.38 -6.13
CA MET D 75 14.12 0.41 -6.14
C MET D 75 15.61 0.76 -6.30
C MET D 75 15.59 0.77 -6.30
N ILE D 76 15.86 2.05 -6.56
CA ILE D 76 17.22 2.55 -6.75
C ILE D 76 18.06 2.27 -5.51
N VAL D 77 17.53 2.65 -4.35
CA VAL D 77 18.26 2.49 -3.09
C VAL D 77 18.45 1.01 -2.75
N GLU D 78 17.45 0.20 -3.07
CA GLU D 78 17.56 -1.23 -2.79
C GLU D 78 18.63 -1.87 -3.68
N LEU D 79 18.76 -1.38 -4.91
CA LEU D 79 19.78 -1.93 -5.80
C LEU D 79 21.19 -1.60 -5.29
N LEU D 80 21.38 -0.38 -4.81
CA LEU D 80 22.65 0.07 -4.27
C LEU D 80 22.98 -0.67 -2.96
N ASN D 81 21.96 -0.87 -2.13
CA ASN D 81 22.11 -1.64 -0.90
C ASN D 81 22.58 -3.06 -1.24
N SER D 82 21.95 -3.66 -2.26
CA SER D 82 22.27 -5.02 -2.62
C SER D 82 23.69 -5.13 -3.21
N ALA D 83 24.11 -4.07 -3.90
CA ALA D 83 25.48 -4.01 -4.45
C ALA D 83 26.46 -3.99 -3.30
N ILE D 84 26.14 -3.21 -2.27
CA ILE D 84 26.99 -3.10 -1.09
C ILE D 84 27.08 -4.46 -0.38
N GLU D 85 25.92 -5.09 -0.15
CA GLU D 85 25.89 -6.45 0.41
C GLU D 85 26.76 -7.43 -0.40
N ALA D 86 26.71 -7.33 -1.74
CA ALA D 86 27.45 -8.25 -2.59
C ALA D 86 28.98 -8.12 -2.44
N VAL D 87 29.48 -6.90 -2.28
CA VAL D 87 30.92 -6.72 -2.09
C VAL D 87 31.35 -7.37 -0.76
N VAL D 88 30.70 -7.02 0.35
CA VAL D 88 31.14 -7.59 1.62
C VAL D 88 30.95 -9.11 1.68
N ASP D 89 29.82 -9.62 1.18
CA ASP D 89 29.58 -11.06 1.19
C ASP D 89 30.57 -11.87 0.33
N ARG D 90 31.09 -11.26 -0.73
N ARG D 90 31.08 -11.26 -0.73
CA ARG D 90 32.02 -11.94 -1.62
CA ARG D 90 32.02 -11.94 -1.62
C ARG D 90 33.35 -12.24 -0.91
C ARG D 90 33.33 -12.25 -0.89
N ILE D 91 33.64 -11.46 0.12
CA ILE D 91 34.82 -11.69 0.95
C ILE D 91 34.70 -13.00 1.75
N GLY D 92 33.49 -13.33 2.19
CA GLY D 92 33.25 -14.55 2.93
C GLY D 92 31.98 -14.55 3.77
N SER D 93 31.61 -15.72 4.27
CA SER D 93 30.37 -15.88 5.05
C SER D 93 30.55 -15.43 6.50
N GLU D 94 31.78 -15.51 6.99
CA GLU D 94 32.08 -15.21 8.39
C GLU D 94 31.74 -13.78 8.80
N TYR D 95 31.12 -13.64 9.97
CA TYR D 95 30.74 -12.34 10.46
C TYR D 95 31.95 -11.50 10.84
N HIS D 96 31.90 -10.23 10.45
N HIS D 96 31.93 -10.24 10.43
CA HIS D 96 32.88 -9.22 10.81
CA HIS D 96 32.86 -9.26 10.93
C HIS D 96 32.05 -7.97 11.13
C HIS D 96 32.08 -7.97 11.12
N GLU D 97 32.46 -7.21 12.14
CA GLU D 97 31.72 -6.03 12.54
C GLU D 97 31.47 -5.05 11.38
N LEU D 98 32.48 -4.84 10.55
CA LEU D 98 32.38 -3.86 9.47
C LEU D 98 31.42 -4.29 8.35
N SER D 99 31.33 -5.59 8.08
N SER D 99 31.33 -5.59 8.10
CA SER D 99 30.36 -6.11 7.12
CA SER D 99 30.36 -6.12 7.13
C SER D 99 28.94 -5.87 7.63
C SER D 99 28.94 -5.89 7.62
N GLY D 100 28.71 -6.20 8.90
CA GLY D 100 27.41 -6.01 9.51
C GLY D 100 27.03 -4.54 9.51
N ARG D 101 28.02 -3.68 9.71
CA ARG D 101 27.75 -2.25 9.73
C ARG D 101 27.38 -1.75 8.33
N ALA D 102 28.11 -2.20 7.31
CA ALA D 102 27.78 -1.79 5.94
C ALA D 102 26.36 -2.19 5.56
N LYS D 103 25.97 -3.42 5.89
CA LYS D 103 24.62 -3.91 5.55
C LYS D 103 23.50 -3.22 6.32
N ASP D 104 23.74 -2.92 7.60
CA ASP D 104 22.78 -2.21 8.43
C ASP D 104 22.53 -0.80 7.92
N LEU D 105 23.59 -0.12 7.50
CA LEU D 105 23.46 1.24 7.01
C LEU D 105 22.75 1.21 5.66
N GLY D 106 23.10 0.23 4.83
CA GLY D 106 22.45 0.04 3.55
C GLY D 106 20.95 -0.16 3.75
N SER D 107 20.58 -1.00 4.71
CA SER D 107 19.17 -1.32 4.97
C SER D 107 18.43 -0.13 5.56
N ALA D 108 19.09 0.60 6.43
CA ALA D 108 18.49 1.79 7.00
C ALA D 108 18.12 2.75 5.88
N ALA D 109 18.98 2.82 4.85
CA ALA D 109 18.72 3.67 3.70
C ALA D 109 17.46 3.23 2.93
N VAL D 110 17.24 1.92 2.85
CA VAL D 110 16.05 1.42 2.17
C VAL D 110 14.82 1.79 2.98
N LEU D 111 14.91 1.55 4.28
CA LEU D 111 13.81 1.86 5.19
C LEU D 111 13.36 3.34 5.08
N ILE D 112 14.31 4.26 5.06
CA ILE D 112 13.98 5.67 4.93
C ILE D 112 13.36 6.02 3.56
N ALA D 113 13.85 5.39 2.50
CA ALA D 113 13.23 5.57 1.18
C ALA D 113 11.75 5.11 1.20
N ILE D 114 11.46 4.01 1.89
CA ILE D 114 10.09 3.49 1.95
C ILE D 114 9.21 4.41 2.83
N ILE D 115 9.73 4.81 3.99
CA ILE D 115 9.01 5.74 4.85
C ILE D 115 8.71 7.02 4.09
N ASP D 116 9.67 7.47 3.31
CA ASP D 116 9.47 8.68 2.50
C ASP D 116 8.37 8.47 1.45
N ALA D 117 8.30 7.28 0.85
CA ALA D 117 7.26 6.98 -0.14
C ALA D 117 5.87 6.98 0.50
N VAL D 118 5.77 6.39 1.69
CA VAL D 118 4.50 6.32 2.40
C VAL D 118 3.97 7.72 2.81
N ILE D 119 4.84 8.51 3.43
CA ILE D 119 4.52 9.91 3.75
C ILE D 119 4.12 10.71 2.52
N THR D 120 4.89 10.60 1.45
CA THR D 120 4.55 11.26 0.20
C THR D 120 3.14 10.85 -0.25
N TRP D 121 2.85 9.55 -0.23
CA TRP D 121 1.55 9.07 -0.69
C TRP D 121 0.43 9.58 0.21
N ALA D 122 0.63 9.55 1.53
CA ALA D 122 -0.40 10.01 2.46
C ALA D 122 -0.71 11.49 2.25
N ILE D 123 0.34 12.31 2.24
CA ILE D 123 0.16 13.75 2.13
C ILE D 123 -0.54 14.12 0.83
N LEU D 124 -0.14 13.51 -0.27
CA LEU D 124 -0.70 13.88 -1.57
C LEU D 124 -2.14 13.37 -1.77
N LEU D 125 -2.42 12.13 -1.38
CA LEU D 125 -3.76 11.57 -1.56
C LEU D 125 -4.74 12.24 -0.60
N TRP D 126 -4.32 12.41 0.65
CA TRP D 126 -5.17 13.06 1.65
C TRP D 126 -5.55 14.51 1.29
N SER D 127 -4.59 15.31 0.86
CA SER D 127 -4.87 16.70 0.51
C SER D 127 -5.76 16.78 -0.72
N HIS D 128 -5.60 15.82 -1.61
CA HIS D 128 -6.33 15.87 -2.88
C HIS D 128 -7.73 15.24 -2.76
N PHE D 129 -7.89 14.28 -1.84
CA PHE D 129 -9.13 13.51 -1.80
C PHE D 129 -9.77 13.45 -0.42
N GLY D 130 -9.03 13.82 0.61
CA GLY D 130 -9.48 13.67 1.97
C GLY D 130 -10.36 14.84 2.36
N SER E 26 35.29 16.06 -1.02
CA SER E 26 34.02 16.63 -1.46
C SER E 26 34.21 17.36 -2.78
N TRP E 27 34.63 18.63 -2.70
CA TRP E 27 34.98 19.41 -3.88
C TRP E 27 36.08 18.71 -4.66
N LYS E 28 37.08 18.22 -3.93
CA LYS E 28 38.19 17.46 -4.50
C LYS E 28 37.70 16.25 -5.30
N GLY E 29 36.85 15.45 -4.65
CA GLY E 29 36.29 14.27 -5.27
C GLY E 29 35.33 14.57 -6.40
N LEU E 30 34.67 15.74 -6.33
CA LEU E 30 33.72 16.17 -7.35
C LEU E 30 34.43 16.57 -8.65
N ARG E 31 35.63 17.13 -8.52
CA ARG E 31 36.44 17.51 -9.68
C ARG E 31 36.95 16.28 -10.43
N ALA E 32 37.16 15.18 -9.71
CA ALA E 32 37.65 13.94 -10.30
C ALA E 32 36.58 13.26 -11.16
N ALA E 33 35.33 13.41 -10.77
CA ALA E 33 34.20 12.83 -11.49
C ALA E 33 33.93 13.56 -12.81
N TRP E 34 34.04 14.88 -12.75
CA TRP E 34 33.92 15.72 -13.94
C TRP E 34 34.99 15.37 -14.97
N ILE E 35 36.11 14.82 -14.51
CA ILE E 35 37.18 14.36 -15.41
C ILE E 35 37.71 13.00 -15.00
N ARG E 41 31.46 12.38 -17.39
CA ARG E 41 31.56 13.83 -17.61
C ARG E 41 30.43 14.32 -18.49
N GLN E 42 30.17 13.58 -19.57
CA GLN E 42 29.10 13.87 -20.52
C GLN E 42 27.80 14.25 -19.80
N GLU E 43 27.50 13.52 -18.74
CA GLU E 43 26.31 13.75 -17.93
C GLU E 43 26.27 15.18 -17.41
N GLY E 44 27.42 15.69 -16.97
CA GLY E 44 27.52 17.02 -16.39
C GLY E 44 27.05 18.14 -17.28
N VAL E 45 27.31 18.01 -18.57
CA VAL E 45 26.90 19.02 -19.54
C VAL E 45 25.39 18.98 -19.75
N ALA E 46 24.86 17.76 -19.92
CA ALA E 46 23.44 17.56 -20.17
C ALA E 46 22.58 18.17 -19.07
N VAL E 47 23.07 18.12 -17.83
CA VAL E 47 22.37 18.72 -16.70
C VAL E 47 22.22 20.22 -16.89
N LEU E 48 23.35 20.89 -17.12
CA LEU E 48 23.36 22.34 -17.32
C LEU E 48 22.43 22.75 -18.45
N LEU E 49 22.38 21.95 -19.51
CA LEU E 49 21.35 22.10 -20.53
C LEU E 49 19.99 21.96 -19.87
N CYS E 50 19.73 20.77 -19.33
CA CYS E 50 18.49 20.45 -18.65
C CYS E 50 18.10 21.47 -17.56
N VAL E 51 19.11 22.13 -16.99
CA VAL E 51 18.86 23.19 -16.02
C VAL E 51 18.44 24.50 -16.72
N VAL E 52 19.27 24.98 -17.63
CA VAL E 52 18.99 26.24 -18.31
C VAL E 52 17.77 26.13 -19.22
N ILE E 53 17.46 24.93 -19.68
CA ILE E 53 16.27 24.71 -20.49
C ILE E 53 15.07 24.34 -19.59
N ALA E 54 15.31 24.34 -18.29
CA ALA E 54 14.23 24.27 -17.32
C ALA E 54 13.84 25.69 -16.92
N ALA E 55 14.69 26.65 -17.29
CA ALA E 55 14.41 28.05 -17.04
C ALA E 55 13.92 28.74 -18.31
N TRP E 56 14.00 28.02 -19.43
CA TRP E 56 13.62 28.57 -20.73
C TRP E 56 12.12 28.43 -21.00
N LEU E 57 11.51 27.43 -20.38
CA LEU E 57 10.07 27.20 -20.53
C LEU E 57 9.30 27.89 -19.40
N ASP E 58 8.17 28.51 -19.76
CA ASP E 58 7.31 29.12 -18.76
C ASP E 58 6.62 28.02 -17.94
N VAL E 59 7.33 27.52 -16.94
CA VAL E 59 6.79 26.53 -16.02
C VAL E 59 6.91 27.02 -14.59
N ASP E 60 6.00 26.55 -13.74
CA ASP E 60 6.00 26.89 -12.32
C ASP E 60 7.33 26.53 -11.65
N ALA E 61 7.51 26.98 -10.41
CA ALA E 61 8.68 26.66 -9.63
C ALA E 61 8.74 25.15 -9.37
N VAL E 62 7.66 24.60 -8.83
CA VAL E 62 7.53 23.18 -8.54
C VAL E 62 7.95 22.29 -9.73
N THR E 63 7.51 22.65 -10.93
CA THR E 63 7.87 21.91 -12.12
C THR E 63 9.38 21.97 -12.38
N ARG E 64 9.98 23.12 -12.11
CA ARG E 64 11.41 23.34 -12.33
C ARG E 64 12.23 22.42 -11.42
N VAL E 65 11.84 22.37 -10.14
CA VAL E 65 12.45 21.50 -9.14
C VAL E 65 12.44 20.04 -9.60
N LEU E 66 11.31 19.58 -10.11
CA LEU E 66 11.13 18.21 -10.56
C LEU E 66 12.03 17.86 -11.72
N LEU E 67 12.17 18.79 -12.66
CA LEU E 67 13.03 18.60 -13.82
C LEU E 67 14.50 18.53 -13.40
N ILE E 68 14.90 19.43 -12.52
CA ILE E 68 16.29 19.48 -12.06
C ILE E 68 16.62 18.27 -11.18
N SER E 69 15.78 18.04 -10.16
CA SER E 69 15.99 17.00 -9.17
C SER E 69 16.15 15.62 -9.77
N SER E 70 15.34 15.31 -10.79
CA SER E 70 15.33 13.99 -11.38
C SER E 70 16.64 13.72 -12.11
N VAL E 71 17.22 14.77 -12.72
CA VAL E 71 18.49 14.61 -13.45
C VAL E 71 19.64 14.62 -12.43
N MET E 72 19.47 15.36 -11.35
N MET E 72 19.43 15.35 -11.35
CA MET E 72 20.50 15.36 -10.31
CA MET E 72 20.40 15.41 -10.26
C MET E 72 20.52 14.06 -9.49
C MET E 72 20.51 14.05 -9.56
N LEU E 73 19.39 13.37 -9.40
CA LEU E 73 19.35 12.05 -8.77
C LEU E 73 20.21 11.10 -9.59
N VAL E 74 20.13 11.21 -10.92
CA VAL E 74 20.98 10.40 -11.79
C VAL E 74 22.47 10.63 -11.48
N MET E 75 22.82 11.88 -11.18
CA MET E 75 24.22 12.19 -10.91
C MET E 75 24.65 11.56 -9.59
N ILE E 76 23.81 11.73 -8.57
CA ILE E 76 24.04 11.15 -7.26
C ILE E 76 24.26 9.63 -7.36
N VAL E 77 23.40 8.96 -8.13
CA VAL E 77 23.46 7.50 -8.23
C VAL E 77 24.68 7.03 -9.02
N GLU E 78 25.07 7.78 -10.05
N GLU E 78 25.05 7.80 -10.04
CA GLU E 78 26.25 7.43 -10.82
CA GLU E 78 26.23 7.48 -10.84
C GLU E 78 27.51 7.56 -9.97
C GLU E 78 27.50 7.59 -10.00
N LEU E 79 27.53 8.57 -9.10
CA LEU E 79 28.64 8.74 -8.16
C LEU E 79 28.71 7.59 -7.15
N LEU E 80 27.56 7.20 -6.57
CA LEU E 80 27.55 6.08 -5.64
C LEU E 80 27.93 4.80 -6.38
N ASN E 81 27.46 4.65 -7.60
CA ASN E 81 27.85 3.48 -8.39
C ASN E 81 29.34 3.49 -8.76
N SER E 82 29.90 4.68 -9.01
CA SER E 82 31.32 4.81 -9.28
C SER E 82 32.14 4.49 -8.03
N ALA E 83 31.61 4.85 -6.87
CA ALA E 83 32.27 4.55 -5.60
C ALA E 83 32.36 3.04 -5.43
N ILE E 84 31.27 2.34 -5.75
CA ILE E 84 31.29 0.88 -5.66
C ILE E 84 32.27 0.23 -6.64
N GLU E 85 32.28 0.70 -7.88
CA GLU E 85 33.22 0.21 -8.88
C GLU E 85 34.68 0.40 -8.44
N ALA E 86 34.96 1.52 -7.78
CA ALA E 86 36.30 1.83 -7.29
C ALA E 86 36.71 0.81 -6.24
N VAL E 87 35.74 0.28 -5.49
CA VAL E 87 36.07 -0.76 -4.54
C VAL E 87 36.39 -2.03 -5.30
N VAL E 88 35.45 -2.46 -6.13
CA VAL E 88 35.54 -3.77 -6.80
C VAL E 88 36.72 -3.88 -7.77
N ASP E 89 37.00 -2.79 -8.49
CA ASP E 89 38.07 -2.76 -9.49
C ASP E 89 39.38 -2.14 -8.97
N ARG E 90 39.49 -1.99 -7.65
CA ARG E 90 40.66 -1.36 -7.04
C ARG E 90 41.94 -2.10 -7.44
N ILE E 91 43.07 -1.39 -7.35
CA ILE E 91 44.37 -2.03 -7.55
C ILE E 91 44.56 -3.21 -6.58
N GLY E 92 44.90 -4.37 -7.12
CA GLY E 92 45.06 -5.57 -6.32
C GLY E 92 43.86 -6.50 -6.33
N SER E 93 42.71 -6.03 -6.83
CA SER E 93 41.50 -6.87 -6.85
C SER E 93 41.67 -8.17 -7.66
N GLU E 94 42.53 -8.13 -8.68
CA GLU E 94 42.82 -9.33 -9.50
C GLU E 94 43.41 -10.52 -8.72
N TYR E 95 43.74 -10.32 -7.45
CA TYR E 95 44.28 -11.40 -6.63
C TYR E 95 43.25 -12.03 -5.69
N HIS E 96 42.00 -11.57 -5.76
CA HIS E 96 40.96 -12.08 -4.87
C HIS E 96 39.67 -12.42 -5.61
N GLU E 97 38.70 -12.94 -4.87
CA GLU E 97 37.34 -13.12 -5.38
C GLU E 97 36.77 -11.75 -5.76
N LEU E 98 36.30 -11.63 -6.99
CA LEU E 98 35.74 -10.36 -7.48
C LEU E 98 34.22 -10.43 -7.67
N SER E 99 33.50 -9.47 -7.08
CA SER E 99 32.04 -9.38 -7.19
C SER E 99 31.59 -8.66 -8.46
N GLY E 100 31.46 -9.40 -9.57
CA GLY E 100 30.90 -8.85 -10.79
C GLY E 100 29.43 -8.46 -10.61
N ARG E 101 28.77 -9.17 -9.70
CA ARG E 101 27.40 -8.91 -9.34
C ARG E 101 27.24 -7.49 -8.77
N ALA E 102 28.17 -7.06 -7.95
CA ALA E 102 28.12 -5.74 -7.33
C ALA E 102 28.03 -4.64 -8.40
N LYS E 103 28.82 -4.78 -9.45
CA LYS E 103 28.86 -3.78 -10.52
C LYS E 103 27.58 -3.79 -11.36
N ASP E 104 27.00 -4.97 -11.53
CA ASP E 104 25.74 -5.11 -12.27
C ASP E 104 24.59 -4.43 -11.51
N LEU E 105 24.52 -4.64 -10.19
CA LEU E 105 23.46 -4.01 -9.38
C LEU E 105 23.57 -2.49 -9.35
N GLY E 106 24.79 -1.98 -9.21
CA GLY E 106 25.02 -0.55 -9.22
C GLY E 106 24.69 0.05 -10.57
N SER E 107 25.04 -0.66 -11.63
N SER E 107 25.05 -0.65 -11.64
CA SER E 107 24.67 -0.23 -12.98
CA SER E 107 24.67 -0.21 -12.98
C SER E 107 23.15 -0.24 -13.15
C SER E 107 23.14 -0.22 -13.15
N ALA E 108 22.49 -1.21 -12.54
CA ALA E 108 21.03 -1.31 -12.59
C ALA E 108 20.43 -0.12 -11.85
N ALA E 109 21.04 0.30 -10.75
CA ALA E 109 20.55 1.47 -10.02
C ALA E 109 20.59 2.71 -10.91
N VAL E 110 21.63 2.81 -11.73
CA VAL E 110 21.79 4.00 -12.57
C VAL E 110 20.69 3.99 -13.67
N LEU E 111 20.40 2.80 -14.17
CA LEU E 111 19.37 2.58 -15.18
C LEU E 111 17.98 2.99 -14.67
N ILE E 112 17.61 2.56 -13.45
CA ILE E 112 16.33 2.95 -12.87
C ILE E 112 16.26 4.46 -12.64
N ALA E 113 17.38 5.07 -12.25
CA ALA E 113 17.38 6.53 -12.02
C ALA E 113 17.14 7.30 -13.31
N ILE E 114 17.76 6.84 -14.38
CA ILE E 114 17.59 7.42 -15.71
C ILE E 114 16.16 7.21 -16.23
N ILE E 115 15.68 5.98 -16.18
CA ILE E 115 14.31 5.69 -16.58
C ILE E 115 13.31 6.55 -15.81
N ASP E 116 13.52 6.70 -14.51
CA ASP E 116 12.68 7.58 -13.71
C ASP E 116 12.75 9.02 -14.20
N ALA E 117 13.93 9.47 -14.62
CA ALA E 117 14.07 10.83 -15.13
C ALA E 117 13.36 11.02 -16.47
N VAL E 118 13.47 10.04 -17.36
CA VAL E 118 12.71 10.08 -18.62
C VAL E 118 11.20 10.18 -18.38
N ILE E 119 10.67 9.27 -17.57
CA ILE E 119 9.26 9.27 -17.18
C ILE E 119 8.85 10.61 -16.59
N THR E 120 9.70 11.18 -15.74
CA THR E 120 9.41 12.47 -15.13
C THR E 120 9.30 13.57 -16.19
N TRP E 121 10.30 13.66 -17.06
CA TRP E 121 10.26 14.65 -18.14
C TRP E 121 9.12 14.42 -19.12
N ALA E 122 8.89 13.17 -19.51
CA ALA E 122 7.81 12.85 -20.44
C ALA E 122 6.43 13.25 -19.91
N ILE E 123 6.15 12.93 -18.65
CA ILE E 123 4.87 13.29 -18.04
C ILE E 123 4.69 14.81 -17.94
N LEU E 124 5.77 15.52 -17.61
CA LEU E 124 5.70 16.97 -17.42
C LEU E 124 5.66 17.75 -18.73
N LEU E 125 6.31 17.23 -19.77
CA LEU E 125 6.30 17.87 -21.09
C LEU E 125 4.97 17.65 -21.77
N TRP E 126 4.41 16.46 -21.61
CA TRP E 126 3.10 16.14 -22.14
C TRP E 126 2.03 16.99 -21.49
N SER E 127 2.27 17.37 -20.23
CA SER E 127 1.33 18.19 -19.47
C SER E 127 1.27 19.63 -19.96
N HIS E 128 2.35 20.12 -20.56
CA HIS E 128 2.38 21.47 -21.11
C HIS E 128 2.27 21.49 -22.62
N PHE E 129 2.38 20.33 -23.25
CA PHE E 129 2.24 20.23 -24.70
C PHE E 129 1.04 19.37 -25.08
N GLY E 130 -0.13 19.98 -25.09
CA GLY E 130 -1.37 19.28 -25.37
C GLY E 130 -2.40 19.54 -24.29
N ILE F 35 24.44 2.84 17.47
CA ILE F 35 23.05 3.27 17.65
C ILE F 35 22.91 4.78 17.44
N ASN F 36 23.82 5.54 18.05
CA ASN F 36 23.77 7.00 17.97
C ASN F 36 25.17 7.61 17.94
N GLU F 37 25.45 8.37 16.89
CA GLU F 37 26.73 9.04 16.73
C GLU F 37 26.49 10.54 16.58
N ALA F 38 27.52 11.35 16.79
CA ALA F 38 27.42 12.80 16.62
C ALA F 38 26.96 13.14 15.21
N ALA F 39 27.33 12.28 14.26
CA ALA F 39 26.84 12.40 12.89
C ALA F 39 25.35 12.06 12.84
N PHE F 40 25.01 10.81 13.15
CA PHE F 40 23.63 10.33 13.05
C PHE F 40 22.64 11.06 13.96
N ARG F 41 23.15 11.68 15.02
CA ARG F 41 22.30 12.50 15.87
C ARG F 41 22.03 13.85 15.20
N GLN F 42 23.09 14.65 15.05
CA GLN F 42 22.97 15.99 14.49
C GLN F 42 22.40 16.01 13.07
N GLU F 43 22.68 14.98 12.27
CA GLU F 43 22.08 14.86 10.94
C GLU F 43 20.62 14.46 11.07
N GLY F 44 20.36 13.41 11.86
CA GLY F 44 19.01 12.95 12.11
C GLY F 44 18.13 14.03 12.71
N VAL F 45 18.73 14.87 13.56
CA VAL F 45 18.04 16.00 14.19
C VAL F 45 17.79 17.13 13.19
N ALA F 46 18.83 17.53 12.47
CA ALA F 46 18.71 18.60 11.49
C ALA F 46 17.70 18.25 10.40
N VAL F 47 17.57 16.96 10.10
CA VAL F 47 16.60 16.49 9.11
C VAL F 47 15.18 16.54 9.67
N LEU F 48 15.02 16.15 10.94
CA LEU F 48 13.71 16.19 11.57
C LEU F 48 13.25 17.61 11.86
N LEU F 49 14.19 18.56 11.87
CA LEU F 49 13.85 19.97 12.02
C LEU F 49 13.11 20.50 10.78
N CYS F 50 13.70 20.24 9.62
CA CYS F 50 13.14 20.72 8.35
C CYS F 50 11.78 20.11 8.06
N VAL F 51 11.62 18.84 8.42
CA VAL F 51 10.35 18.15 8.24
C VAL F 51 9.25 18.81 9.07
N VAL F 52 9.62 19.27 10.26
CA VAL F 52 8.73 20.04 11.12
C VAL F 52 8.34 21.38 10.50
N ILE F 53 9.34 22.11 9.99
CA ILE F 53 9.10 23.39 9.31
C ILE F 53 8.17 23.22 8.09
N ALA F 54 8.46 22.22 7.26
CA ALA F 54 7.66 21.94 6.07
C ALA F 54 6.21 21.62 6.43
N ALA F 55 6.02 20.89 7.53
CA ALA F 55 4.68 20.58 8.02
C ALA F 55 4.03 21.79 8.71
N TRP F 56 4.84 22.79 9.03
CA TRP F 56 4.36 23.98 9.75
C TRP F 56 4.08 25.16 8.81
N LEU F 57 4.99 25.38 7.86
CA LEU F 57 4.83 26.44 6.87
C LEU F 57 3.52 26.29 6.10
N ASP F 58 2.95 27.42 5.69
CA ASP F 58 1.72 27.39 4.90
C ASP F 58 2.04 27.30 3.43
N VAL F 59 2.23 26.08 2.96
CA VAL F 59 2.47 25.82 1.54
C VAL F 59 1.51 24.72 1.10
N ASP F 60 1.35 24.54 -0.21
CA ASP F 60 0.50 23.47 -0.69
C ASP F 60 1.18 22.10 -0.47
N ALA F 61 0.45 21.04 -0.78
CA ALA F 61 0.88 19.68 -0.45
C ALA F 61 2.11 19.27 -1.26
N VAL F 62 2.09 19.60 -2.55
CA VAL F 62 3.19 19.29 -3.46
C VAL F 62 4.52 19.94 -3.04
N THR F 63 4.45 21.22 -2.68
CA THR F 63 5.62 21.92 -2.15
C THR F 63 6.12 21.26 -0.88
N ARG F 64 5.19 20.87 -0.01
N ARG F 64 5.20 20.87 -0.01
CA ARG F 64 5.54 20.23 1.24
CA ARG F 64 5.57 20.24 1.24
C ARG F 64 6.28 18.91 1.02
C ARG F 64 6.29 18.90 1.02
N VAL F 65 5.83 18.13 0.04
CA VAL F 65 6.47 16.87 -0.26
C VAL F 65 7.88 17.09 -0.76
N LEU F 66 8.07 18.09 -1.61
CA LEU F 66 9.38 18.41 -2.19
C LEU F 66 10.40 18.86 -1.14
N LEU F 67 9.94 19.65 -0.17
CA LEU F 67 10.82 20.13 0.88
C LEU F 67 11.24 18.96 1.74
N ILE F 68 10.27 18.15 2.14
CA ILE F 68 10.53 16.95 2.93
C ILE F 68 11.41 15.91 2.20
N SER F 69 11.09 15.60 0.95
CA SER F 69 11.82 14.55 0.25
CA SER F 69 11.81 14.55 0.23
C SER F 69 13.25 14.93 -0.12
N SER F 70 13.47 16.22 -0.40
CA SER F 70 14.82 16.69 -0.76
C SER F 70 15.79 16.49 0.39
N VAL F 71 15.30 16.59 1.63
CA VAL F 71 16.18 16.36 2.78
C VAL F 71 16.22 14.90 3.22
N MET F 72 15.18 14.14 2.93
N MET F 72 15.16 14.14 2.94
CA MET F 72 15.21 12.72 3.20
CA MET F 72 15.20 12.71 3.20
C MET F 72 16.24 12.06 2.30
C MET F 72 16.25 12.08 2.31
N LEU F 73 16.32 12.55 1.06
CA LEU F 73 17.32 12.07 0.11
C LEU F 73 18.74 12.26 0.67
N VAL F 74 18.97 13.38 1.34
CA VAL F 74 20.29 13.64 1.92
C VAL F 74 20.60 12.60 2.98
N MET F 75 19.62 12.30 3.82
CA MET F 75 19.76 11.24 4.82
C MET F 75 20.06 9.89 4.14
N ILE F 76 19.27 9.56 3.12
CA ILE F 76 19.49 8.34 2.33
C ILE F 76 20.93 8.26 1.79
N VAL F 77 21.38 9.32 1.14
CA VAL F 77 22.72 9.32 0.54
C VAL F 77 23.82 9.29 1.60
N GLU F 78 23.58 9.92 2.74
CA GLU F 78 24.53 9.86 3.85
C GLU F 78 24.64 8.45 4.43
N LEU F 79 23.52 7.72 4.48
CA LEU F 79 23.59 6.34 4.96
C LEU F 79 24.34 5.45 3.94
N LEU F 80 24.06 5.64 2.64
CA LEU F 80 24.72 4.84 1.61
C LEU F 80 26.22 5.11 1.59
N ASN F 81 26.58 6.38 1.69
CA ASN F 81 27.98 6.77 1.78
C ASN F 81 28.70 6.15 2.99
N SER F 82 28.04 6.10 4.13
CA SER F 82 28.67 5.49 5.30
C SER F 82 28.76 3.98 5.15
N ALA F 83 27.84 3.39 4.38
CA ALA F 83 27.89 1.96 4.07
C ALA F 83 29.13 1.66 3.23
N ILE F 84 29.34 2.49 2.21
CA ILE F 84 30.48 2.40 1.32
C ILE F 84 31.81 2.57 2.10
N GLU F 85 31.82 3.51 3.04
CA GLU F 85 33.00 3.71 3.89
C GLU F 85 33.27 2.47 4.75
N ALA F 86 32.20 1.88 5.28
CA ALA F 86 32.34 0.63 6.03
C ALA F 86 32.85 -0.48 5.12
N VAL F 87 32.42 -0.49 3.86
CA VAL F 87 32.92 -1.50 2.91
C VAL F 87 34.42 -1.29 2.68
N VAL F 88 34.80 -0.03 2.45
CA VAL F 88 36.20 0.34 2.22
C VAL F 88 37.08 -0.12 3.40
N ASP F 89 36.58 0.09 4.61
CA ASP F 89 37.31 -0.30 5.82
C ASP F 89 37.42 -1.81 5.93
N ARG F 90 36.36 -2.51 5.54
CA ARG F 90 36.32 -3.96 5.57
C ARG F 90 37.33 -4.56 4.59
N ILE F 91 37.44 -3.94 3.42
CA ILE F 91 38.38 -4.36 2.39
C ILE F 91 39.83 -4.13 2.87
N GLY F 92 40.08 -2.98 3.49
CA GLY F 92 41.38 -2.68 4.04
C GLY F 92 41.75 -3.69 5.12
N SER F 93 40.83 -3.93 6.02
CA SER F 93 41.02 -4.89 7.09
C SER F 93 41.37 -6.28 6.54
N GLU F 94 40.68 -6.69 5.48
CA GLU F 94 40.86 -8.04 4.94
C GLU F 94 42.08 -8.16 4.04
N TYR F 95 42.31 -7.19 3.16
CA TYR F 95 43.34 -7.34 2.15
C TYR F 95 44.48 -6.35 2.29
N HIS F 96 44.38 -5.43 3.27
CA HIS F 96 45.36 -4.35 3.42
C HIS F 96 45.50 -3.63 2.08
N GLU F 97 44.37 -3.25 1.51
CA GLU F 97 44.36 -2.52 0.25
C GLU F 97 43.43 -1.33 0.31
N LEU F 98 43.86 -0.26 -0.35
CA LEU F 98 43.04 0.93 -0.52
C LEU F 98 41.98 0.65 -1.58
N SER F 99 40.96 1.50 -1.63
CA SER F 99 39.91 1.36 -2.63
C SER F 99 39.83 2.59 -3.51
N GLY F 100 40.98 3.13 -3.88
CA GLY F 100 41.05 4.28 -4.78
C GLY F 100 40.18 5.44 -4.33
N ARG F 101 39.36 5.95 -5.24
CA ARG F 101 38.56 7.14 -4.95
C ARG F 101 37.18 6.87 -4.35
N ALA F 102 36.93 5.62 -3.94
CA ALA F 102 35.61 5.24 -3.42
C ALA F 102 35.04 6.26 -2.42
N LYS F 103 35.79 6.55 -1.36
CA LYS F 103 35.32 7.47 -0.33
C LYS F 103 35.07 8.89 -0.87
N ASP F 104 35.93 9.38 -1.75
CA ASP F 104 35.75 10.73 -2.30
C ASP F 104 34.50 10.76 -3.17
N LEU F 105 34.27 9.68 -3.92
CA LEU F 105 33.10 9.61 -4.79
C LEU F 105 31.80 9.59 -3.98
N GLY F 106 31.78 8.81 -2.89
CA GLY F 106 30.62 8.76 -2.01
C GLY F 106 30.36 10.11 -1.35
N SER F 107 31.42 10.80 -0.96
CA SER F 107 31.29 12.10 -0.34
C SER F 107 30.79 13.13 -1.34
N ALA F 108 31.23 12.99 -2.60
CA ALA F 108 30.71 13.87 -3.64
C ALA F 108 29.20 13.66 -3.79
N ALA F 109 28.76 12.39 -3.77
CA ALA F 109 27.35 12.05 -3.86
C ALA F 109 26.56 12.80 -2.81
N VAL F 110 27.06 12.78 -1.58
CA VAL F 110 26.40 13.46 -0.46
C VAL F 110 26.31 14.97 -0.71
N LEU F 111 27.36 15.55 -1.28
CA LEU F 111 27.43 16.99 -1.52
C LEU F 111 26.38 17.41 -2.54
N ILE F 112 26.29 16.67 -3.63
CA ILE F 112 25.28 16.92 -4.63
C ILE F 112 23.86 16.78 -4.05
N ALA F 113 23.67 15.83 -3.15
CA ALA F 113 22.36 15.67 -2.51
C ALA F 113 22.05 16.92 -1.68
N ILE F 114 23.08 17.46 -1.04
CA ILE F 114 22.90 18.66 -0.23
C ILE F 114 22.61 19.87 -1.13
N ILE F 115 23.38 20.04 -2.19
CA ILE F 115 23.17 21.11 -3.16
C ILE F 115 21.76 21.05 -3.74
N ASP F 116 21.32 19.85 -4.08
CA ASP F 116 19.97 19.65 -4.59
C ASP F 116 18.94 20.06 -3.53
N ALA F 117 19.22 19.80 -2.27
CA ALA F 117 18.28 20.14 -1.21
C ALA F 117 18.18 21.65 -1.03
N VAL F 118 19.33 22.33 -1.03
CA VAL F 118 19.36 23.78 -0.81
C VAL F 118 18.67 24.52 -1.94
N ILE F 119 19.05 24.19 -3.17
CA ILE F 119 18.37 24.73 -4.35
C ILE F 119 16.85 24.52 -4.28
N THR F 120 16.44 23.31 -3.92
CA THR F 120 15.02 22.98 -3.85
C THR F 120 14.29 23.91 -2.88
N TRP F 121 14.83 24.06 -1.68
CA TRP F 121 14.24 24.95 -0.68
C TRP F 121 14.28 26.40 -1.15
N ALA F 122 15.37 26.80 -1.80
CA ALA F 122 15.50 28.16 -2.29
C ALA F 122 14.44 28.47 -3.35
N ILE F 123 14.53 27.81 -4.51
CA ILE F 123 13.55 27.94 -5.58
C ILE F 123 12.09 27.96 -5.11
N LEU F 124 11.77 27.15 -4.11
CA LEU F 124 10.39 27.04 -3.62
C LEU F 124 10.00 28.15 -2.65
N LEU F 125 10.92 28.52 -1.76
CA LEU F 125 10.61 29.50 -0.73
C LEU F 125 10.88 30.94 -1.18
N TRP F 126 11.11 31.11 -2.48
CA TRP F 126 11.16 32.42 -3.09
C TRP F 126 9.90 32.62 -3.94
N SER F 127 9.57 31.60 -4.73
CA SER F 127 8.44 31.66 -5.65
C SER F 127 7.08 31.46 -4.98
N HIS F 128 7.06 31.45 -3.65
CA HIS F 128 5.82 31.56 -2.91
C HIS F 128 5.87 32.82 -2.06
N PHE F 129 7.04 33.06 -1.46
CA PHE F 129 7.31 34.27 -0.68
C PHE F 129 8.79 34.40 -0.34
C 79N G . -15.59 -6.31 19.53
O 79N G . -30.41 -2.48 22.14
C1 79N G . -17.06 -6.62 19.42
O1 79N G . -30.04 -3.20 24.21
C2 79N G . -17.84 -5.55 18.68
O2 79N G . -31.64 -0.91 23.61
C3 79N G . -19.34 -5.85 18.52
O3 79N G . -33.64 -0.22 25.46
C4 79N G . -19.64 -7.15 17.79
C5 79N G . -21.07 -7.25 17.27
C6 79N G . -22.14 -7.22 18.35
C7 79N G . -23.51 -6.80 17.83
C8 79N G . -24.63 -7.08 18.80
C9 79N G . -25.19 -6.23 19.63
C10 79N G . -24.84 -4.79 19.81
C11 79N G . -25.67 -4.09 20.87
C12 79N G . -27.10 -3.86 20.47
C13 79N G . -27.82 -2.83 21.32
C14 79N G . -28.24 -3.33 22.69
C15 79N G . -29.67 -2.95 22.96
C16 79N G . -31.46 -3.14 24.51
C17 79N G . -31.85 -1.70 24.79
C18 79N G . -33.29 -1.58 25.23
C 79N H . -16.73 -7.88 27.02
O 79N H . -7.93 -19.86 27.61
C1 79N H . -16.49 -8.42 28.42
O1 79N H . -9.04 -21.68 26.88
C2 79N H . -15.23 -9.25 28.56
O2 79N H . -7.67 -24.54 27.17
C3 79N H . -15.20 -10.14 29.80
O3 79N H . -10.34 -23.14 25.09
C4 79N H . -14.16 -11.25 29.75
C5 79N H . -14.27 -12.29 30.87
C6 79N H . -13.20 -13.38 30.80
C7 79N H . -13.35 -14.35 29.62
C8 79N H . -12.14 -15.21 29.43
C9 79N H . -12.09 -16.32 28.71
C10 79N H . -13.21 -16.94 27.94
C11 79N H . -13.13 -18.48 27.90
C12 79N H . -12.42 -19.04 26.69
C13 79N H . -10.90 -18.99 26.74
C14 79N H . -10.33 -19.96 27.77
C15 79N H . -8.95 -20.46 27.42
C16 79N H . -7.81 -22.29 26.41
C17 79N H . -8.23 -23.72 26.15
C18 79N H . -9.73 -23.89 26.12
C 79N I . -24.02 -9.34 26.67
O 79N I . -12.90 -17.97 33.58
C1 79N I . -23.48 -10.72 26.28
O1 79N I . -11.63 -18.54 31.82
C2 79N I . -22.03 -10.93 26.69
O2 79N I . -9.63 -18.75 30.36
C3 79N I . -21.48 -12.32 26.39
O3 79N I . -7.12 -17.58 30.79
C4 79N I . -20.06 -12.56 26.91
C5 79N I . -19.94 -12.45 28.43
C6 79N I . -18.52 -12.58 28.96
C7 79N I . -18.20 -13.92 29.64
C8 79N I . -18.19 -15.06 28.68
C9 79N I . -17.77 -16.29 28.90
C10 79N I . -17.22 -16.85 30.18
C11 79N I . -17.16 -18.36 30.12
C12 79N I . -15.77 -18.93 30.29
C13 79N I . -15.09 -18.55 31.59
C14 79N I . -13.82 -19.36 31.85
C15 79N I . -12.76 -18.55 32.54
C16 79N I . -10.58 -17.64 32.25
C17 79N I . -9.32 -18.14 31.60
C18 79N I . -8.29 -17.05 31.40
C19 79M J . -15.06 -2.21 20.71
C8 79M J . -7.70 -7.52 21.68
C7 79M J . -6.70 -8.25 22.11
C15 79M J . -13.79 -2.98 20.48
C9 79M J . -9.01 -8.01 21.14
C6 79M J . -6.64 -9.74 22.15
C21 79M J . 1.01 -10.44 22.65
C14 79M J . -13.55 -4.11 21.48
C10 79M J . -10.10 -6.98 21.41
C5 79M J . -5.21 -10.24 22.33
C13 79M J . -12.41 -5.04 21.11
C11 79M J . -11.51 -7.43 21.15
C4 79M J . -4.68 -10.13 23.75
C12 79M J . -12.56 -6.45 21.66
C3 79M J . -3.16 -10.18 23.86
C2 79M J . -2.49 -11.37 23.17
C24 79M J . 2.43 -12.25 21.63
C22 79M J . 2.03 -11.53 22.89
O19 79M J . -0.54 -11.70 24.51
C1 79M J . -1.03 -11.39 23.46
O20 79M J . -0.32 -10.96 22.41
O23 79M J . 3.19 -10.95 23.51
O25 79M J . 3.45 -13.21 21.89
C19 79M K . -14.26 2.73 16.32
C8 79M K . -8.57 -3.39 20.28
C7 79M K . -7.72 -4.40 20.28
C15 79M K . -13.23 1.65 16.54
C9 79M K . -8.25 -1.94 20.32
C6 79M K . -6.23 -4.31 20.29
C21 79M K . -2.39 -8.43 19.81
C14 79M K . -13.42 0.85 17.83
C10 79M K . -9.51 -1.08 20.40
C5 79M K . -5.58 -4.62 21.63
C13 79M K . -12.46 -0.33 17.96
C11 79M K . -10.48 -1.29 19.23
C4 79M K . -4.27 -5.40 21.48
C12 79M K . -11.67 -0.34 19.25
C3 79M K . -3.40 -5.40 22.73
C2 79M K . -2.83 -6.77 23.07
C24 79M K . -2.73 -10.91 19.60
C22 79M K . -1.76 -9.80 19.93
O19 79M K . -0.89 -7.37 21.79
C1 79M K . -2.08 -7.42 21.95
O20 79M K . -2.92 -8.04 21.10
O23 79M K . -0.63 -9.84 19.07
O25 79M K . -2.11 -12.19 19.71
C19 79M L . -5.19 -6.38 -8.73
C8 79M L . 0.17 -6.40 -2.73
C7 79M L . 1.25 -6.40 -1.98
C15 79M L . -4.16 -7.46 -9.05
C9 79M L . 0.12 -6.41 -4.22
C6 79M L . 2.68 -6.39 -2.42
C21 79M L . 5.59 -12.60 0.91
C14 79M L . -3.30 -7.83 -7.84
C10 79M L . -0.42 -7.70 -4.82
C5 79M L . 3.49 -7.41 -1.60
C13 79M L . -2.07 -8.65 -8.15
C11 79M L . -0.67 -7.60 -6.32
C4 79M L . 4.27 -8.39 -2.45
C12 79M L . -1.18 -8.88 -6.95
C3 79M L . 4.73 -9.62 -1.70
C2 79M L . 3.63 -10.65 -1.53
C24 79M L . 6.37 -11.41 2.97
C22 79M L . 5.19 -11.97 2.23
O19 79M L . 3.54 -12.93 -0.79
C1 79M L . 4.08 -11.86 -0.77
O20 79M L . 5.17 -11.60 -0.05
O23 79M L . 4.21 -10.95 1.99
O25 79M L . 7.38 -12.40 3.14
C19 79M M . 4.52 1.13 12.18
C8 79M M . -4.71 2.50 10.99
C7 79M M . -5.74 1.77 11.42
C15 79M M . 3.12 0.73 11.80
C9 79M M . -3.97 2.46 9.67
C6 79M M . -6.46 0.66 10.71
C21 79M M . -11.91 3.93 6.30
C14 79M M . 2.26 1.85 11.18
C10 79M M . -2.56 3.04 9.73
C5 79M M . -7.02 0.95 9.32
C13 79M M . 0.80 1.45 11.01
C11 79M M . -1.59 2.17 10.52
C4 79M M . -8.24 1.83 9.30
C12 79M M . -0.12 2.52 10.40
C3 79M M . -9.53 1.09 9.51
C2 79M M . -10.76 1.92 9.19
C24 79M M . -14.24 4.85 6.50
C22 79M M . -12.76 5.17 6.49
O19 79M M . -10.18 1.97 6.86
C1 79M M . -10.84 2.39 7.76
O20 79M M . -11.75 3.35 7.61
O23 79M M . -12.40 5.83 7.70
O25 79M M . -14.66 4.38 5.22
C19 79M N . -3.07 6.35 7.12
C8 79M N . 4.47 4.72 8.45
C7 79M N . 4.69 3.51 7.97
C15 79M N . -2.09 7.49 6.88
C9 79M N . 4.75 6.03 7.74
C6 79M N . 5.23 3.19 6.61
C21 79M N . 10.95 -2.72 6.12
C14 79M N . -0.76 7.35 7.63
C10 79M N . 3.84 7.19 8.16
C5 79M N . 6.00 1.88 6.56
C13 79M N . 0.23 8.46 7.33
C11 79M N . 2.38 7.12 7.69
C4 79M N . 7.30 1.95 7.30
C12 79M N . 1.57 8.34 8.05
C3 79M N . 7.99 0.62 7.46
C2 79M N . 8.50 0.04 6.15
C24 79M N . 10.79 -3.59 3.77
C22 79M N . 11.69 -3.24 4.92
O19 79M N . 8.57 -2.13 7.16
C1 79M N . 9.05 -1.33 6.41
O20 79M N . 10.20 -1.54 5.75
O23 79M N . 12.68 -2.29 4.52
O25 79M N . 11.48 -4.32 2.76
C19 79M O . -3.34 -3.57 -14.34
C8 79M O . 2.83 -10.58 -16.05
C7 79M O . 3.87 -11.34 -15.72
C15 79M O . -1.97 -4.18 -14.61
C9 79M O . 2.01 -9.70 -15.17
C6 79M O . 4.51 -11.50 -14.37
C21 79M O . 5.76 -11.58 -7.20
C14 79M O . -1.80 -5.60 -14.04
C10 79M O . 1.09 -8.81 -16.01
C5 79M O . 5.98 -11.11 -14.40
C13 79M O . -0.76 -6.43 -14.79
C11 79M O . -0.39 -8.82 -15.62
C4 79M O . 6.80 -11.64 -13.24
C12 79M O . -0.78 -7.91 -14.46
C3 79M O . 6.38 -11.08 -11.92
C2 79M O . 6.32 -12.11 -10.80
C24 79M O . 6.46 -12.20 -4.87
C22 79M O . 6.91 -11.73 -6.23
O19 79M O . 4.88 -10.69 -9.53
C1 79M O . 5.76 -11.50 -9.56
O20 79M O . 6.36 -11.97 -8.46
O23 79M O . 7.84 -12.65 -6.81
O25 79M O . 7.54 -12.22 -3.94
ZN ZN P . 20.50 -9.57 0.00
C 79N Q . -5.21 -2.59 -5.73
O 79N Q . -11.69 8.89 -7.53
C1 79N Q . -6.02 -2.26 -4.52
O1 79N Q . -9.86 8.33 -8.71
C2 79N Q . -7.10 -1.24 -4.78
O2 79N Q . -10.34 7.31 -12.02
C3 79N Q . -7.88 -0.85 -3.53
O3 79N Q . -12.08 9.35 -12.61
C4 79N Q . -9.13 -0.04 -3.82
C5 79N Q . -9.93 0.33 -2.60
C6 79N Q . -11.11 1.25 -2.89
C7 79N Q . -10.71 2.43 -3.77
C8 79N Q . -11.77 3.46 -3.92
C9 79N Q . -11.55 4.66 -4.42
C10 79N Q . -10.23 5.17 -4.90
C11 79N Q . -9.84 6.54 -4.38
C12 79N Q . -10.83 7.63 -4.72
C13 79N Q . -10.20 8.95 -5.10
C14 79N Q . -9.54 8.95 -6.48
C15 79N Q . -10.50 8.74 -7.61
C16 79N Q . -10.64 7.56 -9.66
C17 79N Q . -10.68 8.25 -11.00
C18 79N Q . -12.04 8.83 -11.29
C19 79M R . 3.14 -8.49 -10.88
C8 79M R . 11.11 -4.02 -12.06
C7 79M R . 12.29 -4.56 -12.30
C15 79M R . 4.21 -8.33 -11.95
C9 79M R . 9.98 -4.68 -11.31
C6 79M R . 12.75 -5.90 -11.86
C21 79M R . 11.24 -13.37 -14.15
C14 79M R . 5.50 -7.66 -11.46
C10 79M R . 8.63 -4.34 -11.89
C5 79M R . 12.29 -7.05 -12.76
C13 79M R . 6.59 -7.55 -12.54
C11 79M R . 7.53 -5.36 -11.61
C4 79M R . 13.40 -7.60 -13.62
C12 79M R . 7.84 -6.77 -12.12
C3 79M R . 13.47 -9.11 -13.64
C2 79M R . 12.12 -9.79 -13.79
C24 79M R . 11.69 -15.67 -13.22
C22 79M R . 11.71 -14.18 -12.96
O19 79M R . 13.31 -11.73 -14.53
C1 79M R . 12.31 -11.26 -14.07
O20 79M R . 11.23 -11.97 -13.76
O23 79M R . 13.02 -13.76 -12.61
O25 79M R . 12.97 -16.20 -13.56
CAC FLC S . 20.39 -11.51 0.44
CA FLC S . 19.60 -12.69 0.90
CB FLC S . 20.15 -13.45 2.05
CBC FLC S . 21.13 -14.46 1.54
CG FLC S . 19.00 -14.18 2.70
CGC FLC S . 18.66 -13.96 4.14
OA1 FLC S . 21.29 -11.64 -0.43
OA2 FLC S . 20.15 -10.38 0.94
OB1 FLC S . 21.33 -15.51 2.19
OB2 FLC S . 21.74 -14.26 0.46
OG1 FLC S . 18.29 -12.83 4.55
OG2 FLC S . 18.71 -14.92 4.93
OHB FLC S . 20.76 -12.60 2.94
C ACT T . 18.65 -7.33 0.98
O ACT T . 18.95 -6.75 -0.08
OXT ACT T . 19.25 -8.40 1.32
CH3 ACT T . 17.56 -6.77 1.83
#